data_8JHU
#
_entry.id   8JHU
#
_cell.length_a   1.00
_cell.length_b   1.00
_cell.length_c   1.00
_cell.angle_alpha   90.00
_cell.angle_beta   90.00
_cell.angle_gamma   90.00
#
_symmetry.space_group_name_H-M   'P 1'
#
_entity_poly.entity_id   1
_entity_poly.type   'polypeptide(L)'
_entity_poly.pdbx_seq_one_letter_code
;MSPILGYWKIKGLVQPTRLLLEYLEEKYEEHLYERDEGDKWRNKKFELGLEFPNLPYYIDGDVKLTQSMAIIRYIADKHN
MLGGCPKERAEISMLEGAVLDIRYGVSRIAYSKDFETLKVDFLSKLPEMLKMFEDRLCHKTYLNGDHVTHPDFMLYDALD
VVLYMDPMCLDAFPKLVCFKKRIEAIPQIDKYLKSSKYIAWPLQGWQATFGGGDHPPKSDLEVLFQGPGSMTKIYLLTAP
FDEEAKTGDGQYAASLELGFAENYEHIPCKWLKKDKGDYSIPFPTGTTSIPEETIPSAIVLQPVANENTVISGYKLKDTV
SSPEKAQEVNNKTVSPRTPKIIVKHDNSLQSLTIMDIYSQKPIQFDESKVDEIIHSLETKKVNLEKAIEDNNAELSKIKK
QKSKLAYLTRLYKENKENIQDYCTLNEYIEAHLFNPKFLSRHEKALNNFKALKSQFTGPVNLKELEKLTDKLTGIKEYSY
DFHSNSLPYDLEHDKSFRNFYDFDGLKESIESIIKELEVLNSIRQAVSDKYPNSFKALNETEEHDDKLKFINIIFNDGFS
TTYDQQTFIKALSALDIEKAIDAYTNVKNKLENTQDIIANKEGCRNKLISELQTLIANKQEPYLSANEKLGGFYSKRKLS
ASEGFHLAYQANRRDPIKPEVIENIITKMKPIDEDTHLDIHIRPPDCGVFITPEDIKKFQEAGIKVNITIHEYKQNYTRR
YLQQYTHDLMRQANSVQFFNAEDRENAIIAATYGDCDKRNTTEPTGVAKKIREVGEDFDLDKYPVQKYDLKGKSGLTVAS
QKLSTEPDHPLDVVAKAPNILSFGTIRPGKGFEEALKLAQLIKDNSLSIHEKIKRVPIVKLAGDPQDKALMKQIVVERFG
KTAVKTYQKTHPYDNRFNNSQRRDYWKNLVRELNAKVKEEVAVLNNPYIEIYPWCEPHELLDLKQNCKYVCRMDDMGMRN
NGSAIISVLDVGVVYTKFGSVTDDIFIKGGKYGNAVDIGEYRYGKYSLLKKEKEFKEQHEEEPLPKWLIKNPDSAYKRQS
ESRDPKDILDSIVAREENQLICDNIEDSDNYRTVVEAQKLLKERFTLKNAVDHLLENIGLGHLIAQEEVDELFETVDPVQ
AQIDNLDILSDIKTPRLCLSRSCPELGFFGSRRGDLEAKQENNKLKESILVF
;
_entity_poly.pdbx_strand_id   A
#
# COMPACT_ATOMS: atom_id res chain seq x y z
N MET A 231 -33.95 9.94 -18.47
CA MET A 231 -33.20 11.20 -18.51
C MET A 231 -31.88 11.07 -17.76
N THR A 232 -31.45 12.16 -17.13
CA THR A 232 -30.22 12.14 -16.36
C THR A 232 -30.33 11.22 -15.16
N LYS A 233 -29.27 10.45 -14.91
CA LYS A 233 -29.27 9.51 -13.79
C LYS A 233 -27.82 9.26 -13.38
N ILE A 234 -27.46 9.71 -12.19
CA ILE A 234 -26.10 9.58 -11.67
C ILE A 234 -26.10 8.47 -10.62
N TYR A 235 -25.16 7.54 -10.74
CA TYR A 235 -25.00 6.45 -9.78
C TYR A 235 -23.61 6.53 -9.19
N LEU A 236 -23.53 6.66 -7.87
CA LEU A 236 -22.25 6.68 -7.18
C LEU A 236 -21.86 5.26 -6.79
N LEU A 237 -20.55 5.02 -6.72
CA LEU A 237 -20.05 3.68 -6.43
C LEU A 237 -18.72 3.81 -5.68
N THR A 238 -18.72 3.41 -4.42
CA THR A 238 -17.51 3.33 -3.61
C THR A 238 -17.30 1.92 -3.07
N ALA A 239 -17.79 0.93 -3.81
CA ALA A 239 -17.74 -0.45 -3.36
C ALA A 239 -16.29 -0.94 -3.29
N PRO A 240 -15.96 -1.76 -2.28
CA PRO A 240 -16.79 -2.19 -1.16
C PRO A 240 -16.39 -1.50 0.13
N PHE A 241 -15.58 -0.45 0.06
CA PHE A 241 -15.02 0.20 1.23
C PHE A 241 -15.89 1.38 1.64
N ASP A 242 -16.16 1.49 2.94
CA ASP A 242 -16.88 2.63 3.53
C ASP A 242 -18.28 2.76 2.93
N GLU A 243 -19.07 1.70 3.08
CA GLU A 243 -20.48 1.74 2.69
C GLU A 243 -21.38 2.19 3.83
N GLU A 244 -20.84 2.34 5.04
CA GLU A 244 -21.60 2.82 6.18
C GLU A 244 -21.29 4.27 6.54
N ALA A 245 -20.43 4.94 5.76
CA ALA A 245 -20.12 6.36 5.94
C ALA A 245 -19.56 6.64 7.34
N LYS A 246 -18.37 6.10 7.59
CA LYS A 246 -17.67 6.33 8.86
C LYS A 246 -16.38 7.12 8.70
N THR A 247 -15.67 6.96 7.59
CA THR A 247 -14.42 7.66 7.34
C THR A 247 -14.61 8.66 6.20
N GLY A 248 -13.51 9.25 5.76
CA GLY A 248 -13.58 10.36 4.82
C GLY A 248 -14.28 10.00 3.52
N ASP A 249 -14.00 8.81 2.97
CA ASP A 249 -14.58 8.43 1.69
C ASP A 249 -16.09 8.27 1.80
N GLY A 250 -16.56 7.52 2.79
CA GLY A 250 -17.98 7.33 2.95
C GLY A 250 -18.70 8.62 3.31
N GLN A 251 -18.07 9.45 4.15
CA GLN A 251 -18.65 10.74 4.49
C GLN A 251 -18.77 11.63 3.26
N TYR A 252 -17.74 11.65 2.41
CA TYR A 252 -17.81 12.43 1.19
C TYR A 252 -18.89 11.92 0.25
N ALA A 253 -19.01 10.60 0.11
CA ALA A 253 -20.04 10.04 -0.76
C ALA A 253 -21.43 10.38 -0.24
N ALA A 254 -21.65 10.27 1.08
CA ALA A 254 -22.94 10.60 1.66
C ALA A 254 -23.24 12.08 1.49
N SER A 255 -22.24 12.95 1.67
CA SER A 255 -22.46 14.38 1.49
C SER A 255 -22.80 14.72 0.05
N LEU A 256 -22.13 14.05 -0.90
CA LEU A 256 -22.42 14.28 -2.31
C LEU A 256 -23.84 13.82 -2.65
N GLU A 257 -24.25 12.67 -2.14
CA GLU A 257 -25.61 12.19 -2.37
C GLU A 257 -26.63 13.15 -1.76
N LEU A 258 -26.36 13.64 -0.55
CA LEU A 258 -27.27 14.59 0.10
C LEU A 258 -27.34 15.89 -0.69
N GLY A 259 -26.21 16.36 -1.23
CA GLY A 259 -26.22 17.56 -2.04
C GLY A 259 -27.02 17.39 -3.32
N PHE A 260 -26.90 16.23 -3.96
CA PHE A 260 -27.73 15.96 -5.13
C PHE A 260 -29.21 15.92 -4.75
N ALA A 261 -29.54 15.27 -3.64
CA ALA A 261 -30.94 15.13 -3.24
C ALA A 261 -31.56 16.48 -2.88
N GLU A 262 -30.82 17.33 -2.16
CA GLU A 262 -31.37 18.59 -1.68
C GLU A 262 -31.50 19.61 -2.79
N ASN A 263 -30.50 19.69 -3.67
CA ASN A 263 -30.46 20.73 -4.69
C ASN A 263 -31.24 20.35 -5.94
N TYR A 264 -30.92 19.19 -6.53
CA TYR A 264 -31.53 18.74 -7.78
C TYR A 264 -32.47 17.58 -7.47
N GLU A 265 -33.74 17.89 -7.25
CA GLU A 265 -34.74 16.85 -7.01
C GLU A 265 -35.10 16.08 -8.27
N HIS A 266 -34.72 16.57 -9.44
CA HIS A 266 -35.01 15.91 -10.70
C HIS A 266 -33.87 15.01 -11.17
N ILE A 267 -32.80 14.89 -10.40
CA ILE A 267 -31.68 14.02 -10.75
C ILE A 267 -31.64 12.86 -9.76
N PRO A 268 -32.07 11.65 -10.16
CA PRO A 268 -32.08 10.53 -9.23
C PRO A 268 -30.69 9.99 -8.93
N CYS A 269 -29.98 10.64 -8.02
CA CYS A 269 -28.63 10.23 -7.64
C CYS A 269 -28.68 9.37 -6.38
N LYS A 270 -28.05 8.21 -6.45
CA LYS A 270 -27.99 7.30 -5.30
C LYS A 270 -26.75 6.42 -5.46
N TRP A 271 -26.12 6.09 -4.33
CA TRP A 271 -24.92 5.27 -4.34
C TRP A 271 -25.26 3.83 -3.99
N LEU A 272 -24.63 2.91 -4.72
CA LEU A 272 -24.91 1.49 -4.56
C LEU A 272 -24.21 0.93 -3.32
N LYS A 273 -24.93 0.13 -2.56
CA LYS A 273 -24.42 -0.45 -1.32
C LYS A 273 -24.66 -1.95 -1.31
N LYS A 274 -23.75 -2.67 -0.66
CA LYS A 274 -23.94 -4.12 -0.50
C LYS A 274 -25.07 -4.41 0.48
N ASP A 275 -25.29 -3.53 1.46
CA ASP A 275 -26.38 -3.72 2.41
C ASP A 275 -27.73 -3.69 1.70
N LYS A 276 -27.90 -2.78 0.76
CA LYS A 276 -29.12 -2.69 -0.02
C LYS A 276 -29.11 -3.75 -1.12
N GLY A 277 -30.20 -3.80 -1.89
CA GLY A 277 -30.29 -4.75 -2.98
C GLY A 277 -29.66 -4.25 -4.26
N ASP A 278 -28.41 -3.78 -4.17
CA ASP A 278 -27.69 -3.26 -5.32
C ASP A 278 -26.70 -4.29 -5.89
N TYR A 279 -25.80 -4.79 -5.05
CA TYR A 279 -24.86 -5.81 -5.47
C TYR A 279 -24.56 -6.74 -4.31
N SER A 280 -24.33 -8.01 -4.64
CA SER A 280 -23.96 -9.02 -3.66
C SER A 280 -22.58 -9.57 -4.01
N ILE A 281 -21.85 -10.00 -2.99
CA ILE A 281 -20.51 -10.54 -3.22
C ILE A 281 -20.60 -11.81 -4.04
N PRO A 282 -19.89 -11.93 -5.15
CA PRO A 282 -20.01 -13.14 -5.98
C PRO A 282 -19.35 -14.33 -5.30
N PHE A 283 -20.08 -15.45 -5.27
CA PHE A 283 -19.60 -16.69 -4.68
C PHE A 283 -19.83 -17.84 -5.64
N PRO A 284 -18.99 -18.88 -5.57
CA PRO A 284 -19.25 -20.09 -6.36
C PRO A 284 -20.50 -20.82 -5.90
N THR A 285 -20.81 -21.96 -6.52
CA THR A 285 -22.08 -22.64 -6.28
C THR A 285 -22.22 -23.05 -4.82
N GLY A 286 -21.20 -23.69 -4.26
CA GLY A 286 -21.29 -24.18 -2.90
C GLY A 286 -20.09 -23.85 -2.03
N THR A 287 -19.52 -22.66 -2.22
CA THR A 287 -18.32 -22.27 -1.49
C THR A 287 -18.37 -20.79 -1.18
N THR A 288 -17.96 -20.41 0.02
CA THR A 288 -17.98 -19.03 0.47
C THR A 288 -16.57 -18.54 0.79
N SER A 289 -16.34 -17.25 0.55
CA SER A 289 -15.01 -16.68 0.76
C SER A 289 -14.60 -16.76 2.22
N ILE A 290 -13.30 -16.94 2.45
CA ILE A 290 -12.78 -17.03 3.83
C ILE A 290 -13.08 -15.77 4.62
N PRO A 291 -12.81 -14.56 4.13
CA PRO A 291 -13.31 -13.37 4.83
C PRO A 291 -14.79 -13.18 4.52
N GLU A 292 -15.53 -12.68 5.51
CA GLU A 292 -16.97 -12.60 5.40
C GLU A 292 -17.37 -11.50 4.42
N GLU A 293 -18.09 -11.90 3.36
CA GLU A 293 -18.67 -10.96 2.39
C GLU A 293 -17.60 -10.10 1.72
N THR A 294 -16.48 -10.70 1.37
CA THR A 294 -15.43 -10.03 0.61
C THR A 294 -15.00 -10.91 -0.54
N ILE A 295 -14.42 -10.29 -1.56
CA ILE A 295 -13.83 -11.00 -2.69
C ILE A 295 -12.39 -11.36 -2.32
N PRO A 296 -12.01 -12.64 -2.35
CA PRO A 296 -10.67 -13.04 -1.89
C PRO A 296 -9.53 -12.53 -2.76
N SER A 297 -9.79 -11.73 -3.79
CA SER A 297 -8.74 -11.19 -4.64
C SER A 297 -8.74 -9.67 -4.71
N ALA A 298 -9.79 -9.00 -4.24
CA ALA A 298 -9.87 -7.55 -4.28
C ALA A 298 -9.47 -6.90 -2.96
N ILE A 299 -9.91 -7.45 -1.83
CA ILE A 299 -9.53 -6.91 -0.52
C ILE A 299 -8.09 -7.24 -0.14
N VAL A 300 -7.38 -7.97 -0.99
CA VAL A 300 -5.98 -8.30 -0.73
C VAL A 300 -5.02 -7.27 -1.31
N LEU A 301 -5.48 -6.40 -2.20
CA LEU A 301 -4.61 -5.39 -2.78
C LEU A 301 -4.10 -4.41 -1.73
N GLN A 302 -4.95 -4.03 -0.79
CA GLN A 302 -4.55 -3.06 0.22
C GLN A 302 -3.41 -3.56 1.11
N PRO A 303 -3.46 -4.75 1.71
CA PRO A 303 -2.33 -5.21 2.52
C PRO A 303 -1.10 -5.61 1.71
N VAL A 304 -1.27 -5.99 0.44
CA VAL A 304 -0.12 -6.36 -0.38
C VAL A 304 0.72 -5.13 -0.72
N ALA A 305 0.08 -3.99 -0.98
CA ALA A 305 0.81 -2.80 -1.39
C ALA A 305 1.75 -2.29 -0.29
N ASN A 306 1.58 -2.73 0.96
CA ASN A 306 2.43 -2.32 2.06
C ASN A 306 3.51 -3.34 2.37
N GLU A 307 3.99 -4.06 1.34
CA GLU A 307 5.04 -5.07 1.50
C GLU A 307 4.66 -6.13 2.53
N ASN A 308 3.37 -6.45 2.60
CA ASN A 308 2.86 -7.46 3.53
C ASN A 308 2.11 -8.51 2.75
N THR A 309 2.39 -9.78 3.05
CA THR A 309 1.73 -10.91 2.40
C THR A 309 0.64 -11.43 3.34
N VAL A 310 -0.59 -11.47 2.85
CA VAL A 310 -1.71 -12.03 3.60
C VAL A 310 -2.33 -13.14 2.77
N ILE A 311 -3.10 -13.99 3.45
CA ILE A 311 -3.62 -15.22 2.86
C ILE A 311 -5.13 -15.23 2.96
N SER A 312 -5.79 -15.55 1.85
CA SER A 312 -7.25 -15.61 1.79
C SER A 312 -7.63 -16.86 1.01
N GLY A 313 -8.93 -17.02 0.76
CA GLY A 313 -9.39 -18.18 0.02
C GLY A 313 -10.87 -18.47 0.13
N TYR A 314 -11.19 -19.74 0.36
CA TYR A 314 -12.58 -20.20 0.29
C TYR A 314 -12.79 -21.35 1.26
N LYS A 315 -14.07 -21.61 1.54
CA LYS A 315 -14.50 -22.66 2.46
C LYS A 315 -15.77 -23.28 1.92
N LEU A 316 -15.80 -24.61 1.84
CA LEU A 316 -16.91 -25.32 1.20
C LEU A 316 -18.21 -25.23 2.00
N LYS A 317 -18.12 -24.89 3.29
CA LYS A 317 -19.28 -24.68 4.16
C LYS A 317 -20.14 -25.93 4.32
N ASP A 318 -19.72 -27.04 3.71
CA ASP A 318 -20.49 -28.28 3.76
C ASP A 318 -19.54 -29.45 3.59
N THR A 319 -20.02 -30.65 3.93
CA THR A 319 -19.20 -31.85 3.82
C THR A 319 -18.80 -32.11 2.38
N VAL A 320 -19.75 -32.02 1.46
CA VAL A 320 -19.50 -32.20 0.03
C VAL A 320 -19.99 -30.96 -0.71
N SER A 321 -19.08 -30.29 -1.41
CA SER A 321 -19.44 -29.11 -2.18
C SER A 321 -18.72 -29.01 -3.51
N SER A 322 -18.07 -30.09 -3.97
CA SER A 322 -17.30 -30.10 -5.22
C SER A 322 -16.23 -29.02 -5.20
N PRO A 323 -15.18 -29.17 -4.41
CA PRO A 323 -14.16 -28.11 -4.32
C PRO A 323 -13.31 -28.00 -5.56
N GLU A 324 -13.93 -27.75 -6.71
CA GLU A 324 -13.21 -27.61 -7.97
C GLU A 324 -13.36 -26.22 -8.56
N LYS A 325 -14.60 -25.73 -8.72
CA LYS A 325 -14.80 -24.41 -9.32
C LYS A 325 -14.11 -23.33 -8.51
N ALA A 326 -14.26 -23.37 -7.19
CA ALA A 326 -13.54 -22.42 -6.33
C ALA A 326 -12.05 -22.55 -6.52
N GLN A 327 -11.56 -23.79 -6.71
CA GLN A 327 -10.14 -23.98 -6.99
C GLN A 327 -9.71 -23.23 -8.24
N GLU A 328 -10.58 -23.18 -9.25
CA GLU A 328 -10.28 -22.38 -10.43
C GLU A 328 -10.12 -20.91 -10.06
N VAL A 329 -10.98 -20.40 -9.17
CA VAL A 329 -10.83 -19.04 -8.68
C VAL A 329 -9.50 -18.88 -7.96
N ASN A 330 -9.01 -19.95 -7.33
CA ASN A 330 -7.71 -19.90 -6.69
C ASN A 330 -6.56 -20.14 -7.66
N ASN A 331 -6.85 -20.60 -8.88
CA ASN A 331 -5.80 -20.85 -9.87
C ASN A 331 -5.51 -19.62 -10.72
N LYS A 332 -6.49 -18.75 -10.94
CA LYS A 332 -6.30 -17.56 -11.74
C LYS A 332 -6.03 -16.31 -10.91
N THR A 333 -6.46 -16.28 -9.65
CA THR A 333 -6.29 -15.12 -8.78
C THR A 333 -5.23 -15.38 -7.71
N VAL A 334 -4.17 -16.09 -8.07
CA VAL A 334 -3.08 -16.43 -7.16
C VAL A 334 -1.88 -15.56 -7.50
N SER A 335 -1.27 -14.99 -6.48
CA SER A 335 -0.09 -14.14 -6.61
C SER A 335 0.92 -14.58 -5.56
N PRO A 336 2.22 -14.34 -5.80
CA PRO A 336 3.21 -14.67 -4.77
C PRO A 336 2.95 -14.00 -3.44
N ARG A 337 2.41 -12.78 -3.44
CA ARG A 337 2.06 -12.09 -2.21
C ARG A 337 0.63 -12.40 -1.74
N THR A 338 -0.15 -13.12 -2.54
CA THR A 338 -1.54 -13.45 -2.20
C THR A 338 -1.75 -14.94 -2.35
N PRO A 339 -1.26 -15.75 -1.40
CA PRO A 339 -1.55 -17.18 -1.43
C PRO A 339 -3.04 -17.44 -1.24
N LYS A 340 -3.53 -18.50 -1.89
CA LYS A 340 -4.93 -18.87 -1.85
C LYS A 340 -5.09 -20.21 -1.13
N ILE A 341 -6.17 -20.35 -0.36
CA ILE A 341 -6.46 -21.60 0.31
C ILE A 341 -7.91 -22.00 0.07
N ILE A 342 -8.17 -23.30 0.20
CA ILE A 342 -9.52 -23.85 0.24
C ILE A 342 -9.58 -24.77 1.46
N VAL A 343 -10.45 -24.44 2.40
CA VAL A 343 -10.56 -25.18 3.65
C VAL A 343 -11.93 -25.85 3.71
N LYS A 344 -12.01 -26.94 4.47
CA LYS A 344 -13.23 -27.74 4.53
C LYS A 344 -14.24 -27.09 5.47
N HIS A 345 -15.38 -27.76 5.65
CA HIS A 345 -16.43 -27.23 6.51
C HIS A 345 -16.01 -27.18 7.97
N ASP A 346 -15.14 -28.10 8.40
CA ASP A 346 -14.69 -28.15 9.79
C ASP A 346 -13.45 -27.29 10.04
N ASN A 347 -13.25 -26.25 9.21
CA ASN A 347 -12.16 -25.29 9.39
C ASN A 347 -10.79 -25.99 9.36
N SER A 348 -10.65 -26.97 8.48
CA SER A 348 -9.39 -27.67 8.28
C SER A 348 -8.89 -27.39 6.87
N LEU A 349 -7.60 -27.08 6.76
CA LEU A 349 -7.02 -26.77 5.46
C LEU A 349 -7.08 -27.99 4.54
N GLN A 350 -7.54 -27.77 3.31
CA GLN A 350 -7.62 -28.83 2.31
C GLN A 350 -6.66 -28.62 1.15
N SER A 351 -6.68 -27.45 0.52
CA SER A 351 -5.81 -27.16 -0.61
C SER A 351 -5.16 -25.80 -0.42
N LEU A 352 -3.90 -25.69 -0.89
CA LEU A 352 -3.15 -24.44 -0.82
C LEU A 352 -2.52 -24.19 -2.19
N THR A 353 -2.95 -23.12 -2.84
CA THR A 353 -2.43 -22.72 -4.14
C THR A 353 -1.56 -21.48 -3.97
N ILE A 354 -0.29 -21.58 -4.35
CA ILE A 354 0.66 -20.48 -4.29
C ILE A 354 1.33 -20.35 -5.65
N MET A 355 2.15 -19.31 -5.80
CA MET A 355 2.89 -19.09 -7.03
C MET A 355 4.26 -18.52 -6.67
N ASP A 356 5.31 -19.23 -7.06
CA ASP A 356 6.67 -18.77 -6.78
C ASP A 356 7.03 -17.59 -7.67
N ILE A 357 7.92 -16.74 -7.17
CA ILE A 357 8.32 -15.54 -7.88
C ILE A 357 9.26 -15.83 -9.05
N TYR A 358 9.76 -17.06 -9.17
CA TYR A 358 10.67 -17.42 -10.24
C TYR A 358 9.94 -18.09 -11.40
N SER A 359 9.24 -19.20 -11.14
CA SER A 359 8.47 -19.86 -12.19
C SER A 359 7.19 -19.10 -12.52
N GLN A 360 6.62 -18.41 -11.54
CA GLN A 360 5.39 -17.63 -11.72
C GLN A 360 4.27 -18.50 -12.28
N LYS A 361 4.07 -19.66 -11.65
CA LYS A 361 3.02 -20.59 -12.02
C LYS A 361 2.21 -20.99 -10.80
N PRO A 362 0.89 -21.12 -10.92
CA PRO A 362 0.08 -21.57 -9.79
C PRO A 362 0.40 -23.01 -9.43
N ILE A 363 0.66 -23.25 -8.14
CA ILE A 363 1.08 -24.56 -7.65
C ILE A 363 0.13 -24.95 -6.52
N GLN A 364 -0.77 -25.90 -6.81
CA GLN A 364 -1.63 -26.44 -5.78
C GLN A 364 -0.83 -27.35 -4.85
N PHE A 365 -1.15 -27.30 -3.55
CA PHE A 365 -0.43 -28.04 -2.53
C PHE A 365 -1.39 -28.84 -1.66
N ASP A 366 -2.26 -29.61 -2.30
CA ASP A 366 -3.13 -30.52 -1.58
C ASP A 366 -2.31 -31.48 -0.72
N GLU A 367 -2.95 -32.00 0.33
CA GLU A 367 -2.25 -32.84 1.30
C GLU A 367 -1.64 -34.06 0.64
N SER A 368 -2.33 -34.63 -0.35
CA SER A 368 -1.76 -35.76 -1.09
C SER A 368 -0.51 -35.34 -1.85
N LYS A 369 -0.53 -34.17 -2.47
CA LYS A 369 0.64 -33.68 -3.19
C LYS A 369 1.79 -33.38 -2.23
N VAL A 370 1.49 -32.82 -1.06
CA VAL A 370 2.54 -32.56 -0.07
C VAL A 370 3.16 -33.86 0.40
N ASP A 371 2.34 -34.88 0.66
CA ASP A 371 2.86 -36.18 1.06
C ASP A 371 3.71 -36.79 -0.05
N GLU A 372 3.27 -36.66 -1.30
CA GLU A 372 4.05 -37.17 -2.42
C GLU A 372 5.40 -36.46 -2.53
N ILE A 373 5.40 -35.15 -2.33
CA ILE A 373 6.65 -34.39 -2.39
C ILE A 373 7.60 -34.82 -1.27
N ILE A 374 7.06 -35.00 -0.06
CA ILE A 374 7.89 -35.44 1.06
C ILE A 374 8.47 -36.83 0.79
N HIS A 375 7.64 -37.73 0.26
CA HIS A 375 8.11 -39.07 -0.07
C HIS A 375 9.19 -39.03 -1.15
N SER A 376 8.99 -38.18 -2.16
CA SER A 376 10.00 -38.05 -3.22
C SER A 376 11.31 -37.52 -2.67
N LEU A 377 11.25 -36.54 -1.77
CA LEU A 377 12.47 -36.02 -1.16
C LEU A 377 13.17 -37.10 -0.33
N GLU A 378 12.41 -37.87 0.43
CA GLU A 378 13.00 -38.94 1.24
C GLU A 378 13.65 -40.00 0.35
N THR A 379 12.97 -40.39 -0.73
CA THR A 379 13.53 -41.38 -1.64
C THR A 379 14.80 -40.86 -2.30
N LYS A 380 14.80 -39.57 -2.70
CA LYS A 380 16.00 -38.97 -3.27
C LYS A 380 17.14 -38.99 -2.26
N LYS A 381 16.84 -38.68 -1.00
CA LYS A 381 17.88 -38.67 0.03
C LYS A 381 18.48 -40.06 0.23
N VAL A 382 17.63 -41.09 0.34
CA VAL A 382 18.17 -42.42 0.59
C VAL A 382 18.92 -42.94 -0.64
N ASN A 383 18.42 -42.63 -1.84
CA ASN A 383 19.12 -43.04 -3.05
C ASN A 383 20.48 -42.37 -3.16
N LEU A 384 20.56 -41.08 -2.82
CA LEU A 384 21.85 -40.39 -2.86
C LEU A 384 22.79 -40.93 -1.80
N GLU A 385 22.27 -41.28 -0.62
CA GLU A 385 23.12 -41.88 0.41
C GLU A 385 23.66 -43.23 -0.07
N LYS A 386 22.81 -44.03 -0.72
CA LYS A 386 23.28 -45.30 -1.28
C LYS A 386 24.34 -45.07 -2.35
N ALA A 387 24.14 -44.07 -3.19
CA ALA A 387 25.12 -43.76 -4.22
C ALA A 387 26.46 -43.35 -3.61
N ILE A 388 26.41 -42.53 -2.55
CA ILE A 388 27.64 -42.11 -1.88
C ILE A 388 28.35 -43.31 -1.26
N GLU A 389 27.61 -44.17 -0.57
CA GLU A 389 28.21 -45.32 0.08
C GLU A 389 28.71 -46.35 -0.94
N ASP A 390 28.17 -46.33 -2.16
CA ASP A 390 28.67 -47.23 -3.20
C ASP A 390 29.93 -46.66 -3.87
N ASN A 391 29.93 -45.35 -4.14
CA ASN A 391 31.05 -44.72 -4.81
C ASN A 391 32.21 -44.39 -3.89
N ASN A 392 32.03 -44.51 -2.56
CA ASN A 392 33.10 -44.20 -1.63
C ASN A 392 34.31 -45.11 -1.80
N ALA A 393 34.12 -46.30 -2.36
CA ALA A 393 35.24 -47.20 -2.59
C ALA A 393 36.23 -46.62 -3.60
N GLU A 394 35.72 -45.98 -4.65
CA GLU A 394 36.56 -45.42 -5.70
C GLU A 394 36.77 -43.92 -5.58
N LEU A 395 35.86 -43.21 -4.89
CA LEU A 395 36.01 -41.76 -4.76
C LEU A 395 37.19 -41.40 -3.88
N SER A 396 37.60 -42.30 -2.98
CA SER A 396 38.73 -42.01 -2.10
C SER A 396 40.05 -42.08 -2.85
N LYS A 397 40.12 -42.88 -3.91
CA LYS A 397 41.36 -42.98 -4.68
C LYS A 397 41.71 -41.67 -5.36
N ILE A 398 40.71 -40.98 -5.91
CA ILE A 398 40.96 -39.71 -6.58
C ILE A 398 41.26 -38.63 -5.55
N LYS A 399 42.34 -37.90 -5.76
CA LYS A 399 42.77 -36.85 -4.84
C LYS A 399 42.35 -35.46 -5.30
N LYS A 400 42.48 -35.15 -6.59
CA LYS A 400 42.11 -33.83 -7.09
C LYS A 400 40.60 -33.68 -7.11
N GLN A 401 40.11 -32.55 -6.59
CA GLN A 401 38.68 -32.30 -6.56
C GLN A 401 38.12 -32.12 -7.97
N LYS A 402 38.89 -31.46 -8.84
CA LYS A 402 38.43 -31.24 -10.22
C LYS A 402 38.31 -32.56 -10.96
N SER A 403 39.23 -33.50 -10.72
CA SER A 403 39.15 -34.81 -11.35
C SER A 403 37.91 -35.58 -10.90
N LYS A 404 37.49 -35.40 -9.64
CA LYS A 404 36.29 -36.07 -9.16
C LYS A 404 35.04 -35.52 -9.85
N LEU A 405 35.08 -34.27 -10.30
CA LEU A 405 33.92 -33.70 -11.00
C LEU A 405 33.63 -34.46 -12.28
N ALA A 406 34.67 -34.79 -13.04
CA ALA A 406 34.46 -35.52 -14.30
C ALA A 406 33.89 -36.91 -14.07
N TYR A 407 34.39 -37.61 -13.06
CA TYR A 407 33.93 -38.97 -12.80
C TYR A 407 32.45 -39.00 -12.41
N LEU A 408 32.04 -38.09 -11.52
CA LEU A 408 30.64 -38.04 -11.12
C LEU A 408 29.74 -37.66 -12.29
N THR A 409 30.18 -36.71 -13.12
CA THR A 409 29.38 -36.30 -14.26
C THR A 409 29.22 -37.43 -15.27
N ARG A 410 30.31 -38.15 -15.57
CA ARG A 410 30.23 -39.28 -16.49
C ARG A 410 29.37 -40.39 -15.92
N LEU A 411 29.52 -40.68 -14.62
CA LEU A 411 28.76 -41.78 -14.02
C LEU A 411 27.28 -41.42 -13.85
N TYR A 412 26.97 -40.14 -13.68
CA TYR A 412 25.56 -39.73 -13.58
C TYR A 412 24.83 -39.95 -14.90
N LYS A 413 25.55 -39.93 -16.03
CA LYS A 413 24.92 -40.14 -17.32
C LYS A 413 24.37 -41.55 -17.49
N GLU A 414 24.92 -42.53 -16.76
CA GLU A 414 24.43 -43.89 -16.80
C GLU A 414 23.66 -44.18 -15.51
N ASN A 415 22.43 -44.69 -15.66
CA ASN A 415 21.56 -44.95 -14.52
C ASN A 415 21.90 -46.32 -13.95
N LYS A 416 22.80 -46.35 -12.96
CA LYS A 416 23.16 -47.61 -12.33
C LYS A 416 21.97 -48.23 -11.61
N GLU A 417 21.18 -47.42 -10.90
CA GLU A 417 20.01 -47.90 -10.19
C GLU A 417 18.84 -46.95 -10.40
N ASN A 418 18.75 -46.38 -11.61
CA ASN A 418 17.69 -45.45 -11.98
C ASN A 418 17.66 -44.25 -11.03
N ILE A 419 18.76 -43.49 -11.03
CA ILE A 419 18.90 -42.34 -10.15
C ILE A 419 18.63 -41.02 -10.86
N GLN A 420 18.55 -41.01 -12.19
CA GLN A 420 18.27 -39.77 -12.91
C GLN A 420 16.84 -39.29 -12.71
N ASP A 421 15.92 -40.18 -12.36
CA ASP A 421 14.53 -39.82 -12.13
C ASP A 421 14.26 -39.36 -10.71
N TYR A 422 15.28 -39.37 -9.84
CA TYR A 422 15.14 -38.94 -8.45
C TYR A 422 15.84 -37.63 -8.17
N CYS A 423 17.05 -37.43 -8.67
CA CYS A 423 17.83 -36.22 -8.43
C CYS A 423 18.25 -35.61 -9.76
N THR A 424 18.85 -34.42 -9.67
CA THR A 424 19.41 -33.74 -10.82
C THR A 424 20.92 -33.89 -10.82
N LEU A 425 21.57 -33.35 -11.84
CA LEU A 425 23.02 -33.51 -11.97
C LEU A 425 23.76 -32.72 -10.89
N ASN A 426 23.23 -31.56 -10.49
CA ASN A 426 23.90 -30.79 -9.44
C ASN A 426 23.91 -31.53 -8.12
N GLU A 427 22.79 -32.16 -7.76
CA GLU A 427 22.69 -32.82 -6.45
C GLU A 427 23.62 -34.01 -6.34
N TYR A 428 23.93 -34.67 -7.46
CA TYR A 428 24.81 -35.83 -7.41
C TYR A 428 26.23 -35.43 -6.99
N ILE A 429 26.76 -34.36 -7.60
CA ILE A 429 28.09 -33.89 -7.22
C ILE A 429 28.05 -33.25 -5.84
N GLU A 430 27.00 -32.48 -5.54
CA GLU A 430 26.92 -31.79 -4.26
C GLU A 430 26.86 -32.78 -3.10
N ALA A 431 26.11 -33.87 -3.25
CA ALA A 431 26.01 -34.85 -2.18
C ALA A 431 27.35 -35.52 -1.92
N HIS A 432 28.09 -35.85 -2.98
CA HIS A 432 29.33 -36.60 -2.81
C HIS A 432 30.46 -35.73 -2.26
N LEU A 433 30.58 -34.50 -2.75
CA LEU A 433 31.72 -33.66 -2.39
C LEU A 433 31.39 -32.64 -1.30
N PHE A 434 30.18 -32.11 -1.30
CA PHE A 434 29.79 -31.08 -0.34
C PHE A 434 28.62 -31.54 0.50
N ASN A 435 28.70 -32.76 1.03
CA ASN A 435 27.60 -33.37 1.76
C ASN A 435 27.04 -32.50 2.89
N PRO A 436 27.84 -31.85 3.75
CA PRO A 436 27.23 -31.00 4.78
C PRO A 436 26.35 -29.90 4.22
N LYS A 437 26.75 -29.26 3.13
CA LYS A 437 25.92 -28.23 2.52
C LYS A 437 24.67 -28.85 1.89
N PHE A 438 24.84 -29.95 1.15
CA PHE A 438 23.69 -30.62 0.57
C PHE A 438 22.76 -31.15 1.66
N LEU A 439 23.32 -31.71 2.73
CA LEU A 439 22.50 -32.19 3.82
C LEU A 439 21.73 -31.05 4.48
N SER A 440 22.38 -29.90 4.67
CA SER A 440 21.70 -28.75 5.26
C SER A 440 20.56 -28.27 4.36
N ARG A 441 20.81 -28.17 3.06
CA ARG A 441 19.75 -27.73 2.14
C ARG A 441 18.59 -28.72 2.11
N HIS A 442 18.89 -30.01 2.07
CA HIS A 442 17.84 -31.02 2.06
C HIS A 442 17.03 -31.00 3.36
N GLU A 443 17.70 -30.84 4.49
CA GLU A 443 17.00 -30.77 5.76
C GLU A 443 16.13 -29.52 5.84
N LYS A 444 16.62 -28.39 5.31
CA LYS A 444 15.80 -27.18 5.28
C LYS A 444 14.55 -27.39 4.45
N ALA A 445 14.70 -27.96 3.26
CA ALA A 445 13.53 -28.21 2.41
C ALA A 445 12.57 -29.20 3.06
N LEU A 446 13.10 -30.25 3.66
CA LEU A 446 12.26 -31.26 4.31
C LEU A 446 11.51 -30.66 5.50
N ASN A 447 12.18 -29.83 6.29
CA ASN A 447 11.51 -29.18 7.42
C ASN A 447 10.42 -28.22 6.94
N ASN A 448 10.70 -27.47 5.87
CA ASN A 448 9.67 -26.59 5.32
C ASN A 448 8.46 -27.38 4.85
N PHE A 449 8.69 -28.50 4.16
CA PHE A 449 7.57 -29.29 3.67
C PHE A 449 6.83 -30.00 4.80
N LYS A 450 7.55 -30.42 5.85
CA LYS A 450 6.89 -30.98 7.02
C LYS A 450 6.01 -29.95 7.71
N ALA A 451 6.49 -28.71 7.82
CA ALA A 451 5.66 -27.65 8.37
C ALA A 451 4.45 -27.38 7.51
N LEU A 452 4.63 -27.45 6.18
CA LEU A 452 3.49 -27.30 5.27
C LEU A 452 2.47 -28.42 5.48
N LYS A 453 2.95 -29.65 5.64
CA LYS A 453 2.05 -30.77 5.86
C LYS A 453 1.32 -30.66 7.20
N SER A 454 1.99 -30.13 8.23
CA SER A 454 1.39 -30.02 9.55
C SER A 454 0.19 -29.08 9.57
N GLN A 455 0.06 -28.20 8.57
CA GLN A 455 -1.07 -27.29 8.51
C GLN A 455 -2.37 -27.97 8.11
N PHE A 456 -2.32 -29.21 7.65
CA PHE A 456 -3.50 -29.95 7.23
C PHE A 456 -4.07 -30.85 8.32
N THR A 457 -3.50 -30.82 9.52
CA THR A 457 -3.93 -31.72 10.59
C THR A 457 -5.09 -31.14 11.39
N GLY A 458 -4.91 -29.96 11.98
CA GLY A 458 -5.91 -29.36 12.81
C GLY A 458 -6.56 -28.14 12.15
N PRO A 459 -7.03 -27.21 12.97
CA PRO A 459 -7.65 -25.99 12.42
C PRO A 459 -6.64 -25.14 11.67
N VAL A 460 -7.14 -24.42 10.68
CA VAL A 460 -6.31 -23.55 9.84
C VAL A 460 -6.27 -22.16 10.45
N ASN A 461 -5.06 -21.63 10.61
CA ASN A 461 -4.85 -20.29 11.15
C ASN A 461 -4.14 -19.44 10.10
N LEU A 462 -4.64 -18.24 9.87
CA LEU A 462 -4.05 -17.35 8.88
C LEU A 462 -2.99 -16.43 9.50
N LYS A 463 -2.06 -17.03 10.24
CA LYS A 463 -0.92 -16.32 10.77
C LYS A 463 0.41 -17.05 10.60
N GLU A 464 0.39 -18.39 10.49
CA GLU A 464 1.59 -19.15 10.20
C GLU A 464 1.70 -19.57 8.75
N LEU A 465 0.59 -19.54 8.01
CA LEU A 465 0.63 -19.88 6.58
C LEU A 465 1.27 -18.78 5.75
N GLU A 466 1.27 -17.53 6.23
CA GLU A 466 1.95 -16.46 5.49
C GLU A 466 3.46 -16.65 5.50
N LYS A 467 4.03 -16.96 6.67
CA LYS A 467 5.46 -17.24 6.74
C LYS A 467 5.81 -18.49 5.96
N LEU A 468 4.93 -19.50 5.98
CA LEU A 468 5.16 -20.71 5.20
C LEU A 468 5.17 -20.39 3.70
N THR A 469 4.23 -19.56 3.24
CA THR A 469 4.21 -19.17 1.84
C THR A 469 5.46 -18.36 1.47
N ASP A 470 5.91 -17.49 2.37
CA ASP A 470 7.14 -16.74 2.13
C ASP A 470 8.33 -17.69 2.01
N LYS A 471 8.39 -18.71 2.86
CA LYS A 471 9.47 -19.70 2.79
C LYS A 471 9.28 -20.68 1.63
N LEU A 472 8.12 -20.69 0.98
CA LEU A 472 7.85 -21.57 -0.14
C LEU A 472 7.97 -20.87 -1.49
N THR A 473 7.33 -19.71 -1.64
CA THR A 473 7.35 -19.00 -2.93
C THR A 473 8.73 -18.46 -3.26
N GLY A 474 9.50 -18.06 -2.24
CA GLY A 474 10.81 -17.49 -2.46
C GLY A 474 10.92 -16.02 -2.13
N ILE A 475 9.86 -15.40 -1.59
CA ILE A 475 9.94 -14.00 -1.19
C ILE A 475 10.95 -13.83 -0.06
N LYS A 476 10.91 -14.72 0.93
CA LYS A 476 11.86 -14.72 2.03
C LYS A 476 12.86 -15.85 1.96
N GLU A 477 12.48 -17.00 1.41
CA GLU A 477 13.39 -18.14 1.30
C GLU A 477 12.85 -19.08 0.23
N TYR A 478 13.76 -19.62 -0.58
CA TYR A 478 13.41 -20.57 -1.64
C TYR A 478 14.26 -21.83 -1.43
N SER A 479 13.67 -22.84 -0.81
CA SER A 479 14.37 -24.07 -0.48
C SER A 479 14.00 -25.24 -1.36
N TYR A 480 13.07 -25.06 -2.32
CA TYR A 480 12.66 -26.14 -3.20
C TYR A 480 12.18 -25.55 -4.51
N ASP A 481 12.63 -26.14 -5.62
CA ASP A 481 12.27 -25.69 -6.96
C ASP A 481 11.13 -26.59 -7.41
N PHE A 482 9.90 -26.05 -7.39
CA PHE A 482 8.74 -26.84 -7.77
C PHE A 482 8.65 -27.08 -9.27
N HIS A 483 9.26 -26.21 -10.08
CA HIS A 483 9.21 -26.39 -11.53
C HIS A 483 9.91 -27.67 -11.96
N SER A 484 11.07 -27.94 -11.38
CA SER A 484 11.86 -29.12 -11.74
C SER A 484 11.86 -30.19 -10.65
N ASN A 485 11.16 -29.96 -9.54
CA ASN A 485 11.10 -30.91 -8.43
C ASN A 485 12.51 -31.30 -7.95
N SER A 486 13.37 -30.30 -7.81
CA SER A 486 14.75 -30.51 -7.40
C SER A 486 15.16 -29.40 -6.44
N LEU A 487 16.31 -29.59 -5.78
CA LEU A 487 16.81 -28.60 -4.87
C LEU A 487 17.31 -27.37 -5.63
N PRO A 488 17.06 -26.17 -5.13
CA PRO A 488 17.49 -24.96 -5.83
C PRO A 488 18.96 -24.66 -5.61
N TYR A 489 19.54 -23.95 -6.57
CA TYR A 489 20.94 -23.54 -6.49
C TYR A 489 21.06 -22.07 -6.89
N ASP A 490 21.65 -21.27 -6.01
CA ASP A 490 21.68 -19.82 -6.22
C ASP A 490 22.61 -19.43 -7.36
N LEU A 491 23.77 -20.11 -7.47
CA LEU A 491 24.73 -19.93 -8.56
C LEU A 491 25.43 -18.57 -8.43
N GLU A 492 24.97 -17.74 -7.50
CA GLU A 492 25.60 -16.46 -7.21
C GLU A 492 26.06 -16.36 -5.77
N HIS A 493 25.21 -16.70 -4.81
CA HIS A 493 25.58 -16.76 -3.41
C HIS A 493 25.93 -18.18 -2.97
N ASP A 494 26.39 -19.00 -3.92
CA ASP A 494 26.74 -20.39 -3.65
C ASP A 494 28.21 -20.64 -3.96
N LYS A 495 29.08 -19.77 -3.46
CA LYS A 495 30.51 -19.90 -3.69
C LYS A 495 31.02 -21.27 -3.23
N SER A 496 32.17 -21.65 -3.79
CA SER A 496 32.81 -22.96 -3.66
C SER A 496 32.03 -24.05 -4.38
N PHE A 497 30.90 -23.74 -5.00
CA PHE A 497 30.15 -24.69 -5.81
C PHE A 497 29.89 -24.22 -7.23
N ARG A 498 30.22 -22.97 -7.56
CA ARG A 498 29.98 -22.47 -8.91
C ARG A 498 30.76 -23.25 -9.96
N ASN A 499 31.97 -23.72 -9.61
CA ASN A 499 32.75 -24.52 -10.55
C ASN A 499 32.12 -25.89 -10.79
N PHE A 500 31.26 -26.36 -9.88
CA PHE A 500 30.64 -27.68 -9.99
C PHE A 500 29.22 -27.61 -10.53
N TYR A 501 28.76 -26.45 -10.96
CA TYR A 501 27.41 -26.32 -11.50
C TYR A 501 27.31 -27.04 -12.84
N ASP A 502 26.10 -27.51 -13.16
CA ASP A 502 25.86 -28.28 -14.38
C ASP A 502 25.71 -27.35 -15.60
N PHE A 503 26.79 -26.60 -15.87
CA PHE A 503 26.80 -25.73 -17.04
C PHE A 503 26.69 -26.54 -18.32
N ASP A 504 27.35 -27.71 -18.37
CA ASP A 504 27.22 -28.59 -19.52
C ASP A 504 25.79 -29.09 -19.68
N GLY A 505 25.15 -29.48 -18.57
CA GLY A 505 23.76 -29.92 -18.64
C GLY A 505 22.83 -28.81 -19.07
N LEU A 506 23.05 -27.60 -18.58
CA LEU A 506 22.25 -26.46 -19.03
C LEU A 506 22.46 -26.19 -20.51
N LYS A 507 23.69 -26.32 -20.99
CA LYS A 507 23.96 -26.15 -22.41
C LYS A 507 23.24 -27.19 -23.24
N GLU A 508 23.25 -28.45 -22.80
CA GLU A 508 22.52 -29.50 -23.51
C GLU A 508 21.02 -29.22 -23.52
N SER A 509 20.48 -28.76 -22.38
CA SER A 509 19.05 -28.45 -22.33
C SER A 509 18.70 -27.31 -23.28
N ILE A 510 19.53 -26.27 -23.31
CA ILE A 510 19.27 -25.14 -24.21
C ILE A 510 19.41 -25.57 -25.66
N GLU A 511 20.37 -26.45 -25.96
CA GLU A 511 20.51 -26.96 -27.32
C GLU A 511 19.29 -27.78 -27.73
N SER A 512 18.75 -28.58 -26.80
CA SER A 512 17.54 -29.33 -27.09
C SER A 512 16.36 -28.39 -27.34
N ILE A 513 16.26 -27.33 -26.54
CA ILE A 513 15.20 -26.34 -26.75
C ILE A 513 15.34 -25.68 -28.12
N ILE A 514 16.57 -25.35 -28.50
CA ILE A 514 16.83 -24.73 -29.80
C ILE A 514 16.45 -25.68 -30.93
N LYS A 515 16.80 -26.96 -30.78
CA LYS A 515 16.44 -27.95 -31.79
C LYS A 515 14.93 -28.10 -31.91
N GLU A 516 14.23 -28.11 -30.78
CA GLU A 516 12.77 -28.19 -30.82
C GLU A 516 12.17 -26.97 -31.50
N LEU A 517 12.71 -25.78 -31.22
CA LEU A 517 12.23 -24.57 -31.86
C LEU A 517 12.50 -24.59 -33.36
N GLU A 518 13.67 -25.11 -33.77
CA GLU A 518 13.98 -25.25 -35.19
C GLU A 518 13.00 -26.21 -35.87
N VAL A 519 12.69 -27.33 -35.21
CA VAL A 519 11.74 -28.28 -35.77
C VAL A 519 10.36 -27.64 -35.91
N LEU A 520 9.93 -26.91 -34.89
CA LEU A 520 8.61 -26.25 -34.93
C LEU A 520 8.57 -25.20 -36.02
N ASN A 521 9.64 -24.42 -36.18
CA ASN A 521 9.64 -23.35 -37.18
C ASN A 521 9.63 -23.89 -38.60
N SER A 522 10.17 -25.09 -38.81
CA SER A 522 10.18 -25.67 -40.15
C SER A 522 8.76 -25.91 -40.65
N ILE A 523 7.87 -26.41 -39.79
CA ILE A 523 6.49 -26.61 -40.19
C ILE A 523 5.79 -25.28 -40.43
N ARG A 524 6.04 -24.30 -39.56
CA ARG A 524 5.43 -22.98 -39.70
C ARG A 524 5.95 -22.25 -40.94
N LEU A 575 3.50 -17.48 -30.00
CA LEU A 575 3.05 -16.57 -31.03
C LEU A 575 4.20 -16.18 -31.95
N ASP A 576 5.27 -15.65 -31.36
CA ASP A 576 6.48 -15.29 -32.09
C ASP A 576 7.52 -16.38 -31.90
N ILE A 577 8.01 -16.92 -33.02
CA ILE A 577 9.02 -17.98 -32.98
C ILE A 577 10.42 -17.41 -33.12
N GLU A 578 10.61 -16.44 -34.03
CA GLU A 578 11.94 -15.88 -34.25
C GLU A 578 12.46 -15.16 -33.00
N LYS A 579 11.59 -14.42 -32.32
CA LYS A 579 12.01 -13.74 -31.10
C LYS A 579 12.41 -14.73 -30.02
N ALA A 580 11.61 -15.79 -29.85
CA ALA A 580 11.95 -16.82 -28.86
C ALA A 580 13.24 -17.53 -29.24
N ILE A 581 13.44 -17.81 -30.53
CA ILE A 581 14.65 -18.47 -30.98
C ILE A 581 15.87 -17.59 -30.69
N ASP A 582 15.77 -16.29 -30.98
CA ASP A 582 16.88 -15.38 -30.70
C ASP A 582 17.14 -15.27 -29.21
N ALA A 583 16.09 -15.21 -28.39
CA ALA A 583 16.28 -15.12 -26.94
C ALA A 583 16.94 -16.38 -26.38
N TYR A 584 16.53 -17.56 -26.88
CA TYR A 584 17.10 -18.80 -26.36
C TYR A 584 18.52 -19.01 -26.87
N THR A 585 18.79 -18.68 -28.13
CA THR A 585 20.12 -18.88 -28.69
C THR A 585 21.14 -17.91 -28.09
N ASN A 586 20.69 -16.79 -27.51
CA ASN A 586 21.61 -15.88 -26.84
C ASN A 586 22.18 -16.56 -25.60
N VAL A 587 21.35 -17.26 -24.84
CA VAL A 587 21.81 -17.93 -23.63
C VAL A 587 22.80 -19.03 -23.96
N LYS A 588 22.59 -19.73 -25.09
CA LYS A 588 23.52 -20.79 -25.48
C LYS A 588 24.91 -20.24 -25.76
N ASN A 589 25.00 -19.09 -26.43
CA ASN A 589 26.29 -18.50 -26.72
C ASN A 589 26.98 -17.98 -25.47
N LYS A 590 26.22 -17.64 -24.42
CA LYS A 590 26.82 -17.14 -23.19
C LYS A 590 27.45 -18.24 -22.35
N LEU A 591 27.07 -19.49 -22.58
CA LEU A 591 27.61 -20.63 -21.84
C LEU A 591 28.65 -21.40 -22.65
N GLU A 592 29.13 -20.85 -23.76
CA GLU A 592 30.12 -21.55 -24.56
C GLU A 592 31.42 -21.75 -23.78
N ASN A 593 31.86 -20.73 -23.05
CA ASN A 593 33.05 -20.81 -22.21
C ASN A 593 32.63 -20.89 -20.75
N THR A 594 33.00 -21.97 -20.08
CA THR A 594 32.62 -22.14 -18.67
C THR A 594 33.34 -21.14 -17.78
N GLN A 595 34.61 -20.86 -18.09
CA GLN A 595 35.38 -19.95 -17.25
C GLN A 595 34.82 -18.53 -17.26
N ASP A 596 34.17 -18.14 -18.36
CA ASP A 596 33.58 -16.81 -18.44
C ASP A 596 32.35 -16.64 -17.54
N ILE A 597 31.79 -17.74 -17.03
CA ILE A 597 30.61 -17.69 -16.18
C ILE A 597 30.99 -17.78 -14.70
N ILE A 598 31.91 -18.69 -14.36
CA ILE A 598 32.34 -18.83 -12.97
C ILE A 598 32.98 -17.54 -12.48
N ALA A 599 33.85 -16.95 -13.31
CA ALA A 599 34.45 -15.65 -13.02
C ALA A 599 33.71 -14.59 -13.81
N ASN A 600 33.20 -13.57 -13.12
CA ASN A 600 32.42 -12.53 -13.76
C ASN A 600 33.26 -11.75 -14.76
N LYS A 601 32.97 -11.91 -16.05
CA LYS A 601 33.69 -11.25 -17.13
C LYS A 601 32.76 -10.21 -17.74
N GLU A 602 32.95 -8.94 -17.36
CA GLU A 602 32.12 -7.83 -17.82
C GLU A 602 30.63 -8.13 -17.60
N GLY A 603 30.32 -8.67 -16.42
CA GLY A 603 28.95 -9.01 -16.09
C GLY A 603 28.35 -10.11 -16.94
N CYS A 604 29.14 -11.14 -17.25
CA CYS A 604 28.64 -12.22 -18.08
C CYS A 604 27.64 -13.10 -17.31
N ARG A 605 27.96 -13.42 -16.05
CA ARG A 605 27.06 -14.25 -15.27
C ARG A 605 25.76 -13.53 -14.92
N ASN A 606 25.85 -12.24 -14.59
CA ASN A 606 24.65 -11.49 -14.23
C ASN A 606 23.68 -11.39 -15.40
N LYS A 607 24.20 -11.12 -16.61
CA LYS A 607 23.34 -11.08 -17.79
C LYS A 607 22.75 -12.46 -18.08
N LEU A 608 23.56 -13.50 -17.93
CA LEU A 608 23.05 -14.87 -18.13
C LEU A 608 21.94 -15.19 -17.14
N ILE A 609 22.14 -14.84 -15.87
CA ILE A 609 21.13 -15.10 -14.85
C ILE A 609 19.86 -14.32 -15.14
N SER A 610 19.99 -13.05 -15.54
CA SER A 610 18.82 -12.24 -15.84
C SER A 610 18.05 -12.81 -17.03
N GLU A 611 18.77 -13.22 -18.08
CA GLU A 611 18.11 -13.79 -19.25
C GLU A 611 17.41 -15.11 -18.90
N LEU A 612 18.05 -15.95 -18.09
CA LEU A 612 17.43 -17.21 -17.70
C LEU A 612 16.17 -16.95 -16.86
N GLN A 613 16.24 -16.00 -15.94
CA GLN A 613 15.06 -15.68 -15.13
C GLN A 613 13.93 -15.12 -16.00
N THR A 614 14.27 -14.28 -16.98
CA THR A 614 13.24 -13.74 -17.87
C THR A 614 12.61 -14.84 -18.70
N LEU A 615 13.42 -15.77 -19.23
CA LEU A 615 12.88 -16.86 -20.04
C LEU A 615 12.01 -17.80 -19.22
N ILE A 616 12.43 -18.09 -17.98
CA ILE A 616 11.65 -19.00 -17.15
C ILE A 616 10.31 -18.38 -16.78
N ALA A 617 10.30 -17.08 -16.47
CA ALA A 617 9.07 -16.41 -16.05
C ALA A 617 8.06 -16.27 -17.19
N ASN A 618 8.45 -16.54 -18.43
CA ASN A 618 7.54 -16.43 -19.56
C ASN A 618 6.55 -17.59 -19.53
N LYS A 619 5.25 -17.26 -19.50
CA LYS A 619 4.20 -18.26 -19.44
C LYS A 619 3.51 -18.46 -20.78
N GLN A 620 4.00 -17.83 -21.83
CA GLN A 620 3.38 -17.92 -23.15
C GLN A 620 4.17 -18.87 -24.06
N GLU A 621 3.49 -19.37 -25.08
CA GLU A 621 4.13 -20.27 -26.03
C GLU A 621 5.14 -19.50 -26.87
N PRO A 622 6.22 -20.16 -27.32
CA PRO A 622 6.59 -21.56 -27.10
C PRO A 622 7.44 -21.76 -25.85
N TYR A 623 7.57 -20.73 -25.01
CA TYR A 623 8.37 -20.85 -23.80
C TYR A 623 7.77 -21.88 -22.84
N LEU A 624 6.45 -21.89 -22.72
CA LEU A 624 5.80 -22.80 -21.78
C LEU A 624 6.06 -24.26 -22.13
N SER A 625 6.00 -24.60 -23.41
CA SER A 625 6.25 -25.96 -23.85
C SER A 625 7.73 -26.34 -23.86
N ALA A 626 8.62 -25.36 -23.72
CA ALA A 626 10.06 -25.63 -23.72
C ALA A 626 10.73 -25.44 -22.38
N ASN A 627 10.07 -24.78 -21.42
CA ASN A 627 10.67 -24.55 -20.12
C ASN A 627 10.71 -25.79 -19.25
N GLU A 628 10.04 -26.88 -19.64
CA GLU A 628 10.04 -28.10 -18.86
C GLU A 628 11.34 -28.90 -18.99
N LYS A 629 12.22 -28.52 -19.90
CA LYS A 629 13.48 -29.22 -20.09
C LYS A 629 14.63 -28.63 -19.28
N LEU A 630 14.37 -27.59 -18.48
CA LEU A 630 15.41 -26.96 -17.68
C LEU A 630 14.80 -26.46 -16.39
N GLY A 631 15.65 -26.20 -15.41
CA GLY A 631 15.18 -25.79 -14.10
C GLY A 631 14.52 -24.43 -14.12
N GLY A 632 13.73 -24.17 -13.09
CA GLY A 632 12.99 -22.93 -12.98
C GLY A 632 13.65 -21.90 -12.07
N PHE A 633 14.69 -22.30 -11.36
CA PHE A 633 15.41 -21.43 -10.44
C PHE A 633 16.89 -21.42 -10.82
N TYR A 634 17.45 -20.21 -10.93
CA TYR A 634 18.87 -20.06 -11.23
C TYR A 634 19.58 -19.04 -10.36
N SER A 635 18.85 -18.18 -9.64
CA SER A 635 19.45 -17.22 -8.73
C SER A 635 18.36 -16.65 -7.83
N LYS A 636 18.74 -16.34 -6.59
CA LYS A 636 17.81 -15.75 -5.64
C LYS A 636 17.65 -14.26 -5.93
N ARG A 637 16.41 -13.83 -6.15
CA ARG A 637 16.10 -12.44 -6.43
C ARG A 637 15.06 -11.93 -5.44
N LYS A 638 15.13 -10.63 -5.15
CA LYS A 638 14.21 -10.00 -4.21
C LYS A 638 12.98 -9.50 -4.96
N LEU A 639 11.80 -9.93 -4.52
CA LEU A 639 10.55 -9.50 -5.13
C LEU A 639 10.26 -8.07 -4.70
N SER A 640 10.34 -7.13 -5.64
CA SER A 640 10.10 -5.74 -5.32
C SER A 640 8.62 -5.51 -5.04
N ALA A 641 8.32 -4.39 -4.37
CA ALA A 641 6.94 -4.05 -4.07
C ALA A 641 6.15 -3.82 -5.35
N SER A 642 6.75 -3.15 -6.34
CA SER A 642 6.05 -2.90 -7.60
C SER A 642 5.69 -4.20 -8.30
N GLU A 643 6.65 -5.12 -8.41
CA GLU A 643 6.40 -6.38 -9.10
C GLU A 643 5.36 -7.22 -8.37
N GLY A 644 5.44 -7.29 -7.03
CA GLY A 644 4.46 -8.04 -6.28
C GLY A 644 3.06 -7.46 -6.40
N PHE A 645 2.95 -6.13 -6.29
CA PHE A 645 1.63 -5.52 -6.42
C PHE A 645 1.08 -5.67 -7.84
N HIS A 646 1.95 -5.61 -8.85
CA HIS A 646 1.48 -5.80 -10.21
C HIS A 646 1.01 -7.24 -10.44
N LEU A 647 1.71 -8.22 -9.86
CA LEU A 647 1.25 -9.60 -9.96
C LEU A 647 -0.09 -9.77 -9.26
N ALA A 648 -0.25 -9.18 -8.07
CA ALA A 648 -1.53 -9.25 -7.37
C ALA A 648 -2.63 -8.58 -8.16
N TYR A 649 -2.32 -7.44 -8.80
CA TYR A 649 -3.29 -6.73 -9.60
C TYR A 649 -3.73 -7.54 -10.81
N GLN A 650 -2.78 -8.20 -11.48
CA GLN A 650 -3.12 -9.05 -12.61
C GLN A 650 -3.96 -10.24 -12.16
N ALA A 651 -3.62 -10.83 -11.01
CA ALA A 651 -4.42 -11.93 -10.48
C ALA A 651 -5.84 -11.47 -10.17
N ASN A 652 -5.99 -10.28 -9.58
CA ASN A 652 -7.31 -9.73 -9.31
C ASN A 652 -8.09 -9.50 -10.59
N ARG A 653 -7.43 -8.96 -11.62
CA ARG A 653 -8.09 -8.73 -12.90
C ARG A 653 -8.43 -10.02 -13.62
N ARG A 654 -7.73 -11.11 -13.32
CA ARG A 654 -8.01 -12.41 -13.91
C ARG A 654 -9.10 -13.18 -13.16
N ASP A 655 -9.88 -12.50 -12.34
CA ASP A 655 -10.93 -13.17 -11.57
C ASP A 655 -12.03 -13.66 -12.50
N PRO A 656 -12.39 -14.94 -12.45
CA PRO A 656 -13.48 -15.43 -13.32
C PRO A 656 -14.86 -15.13 -12.80
N ILE A 657 -15.02 -14.87 -11.50
CA ILE A 657 -16.34 -14.60 -10.92
C ILE A 657 -16.55 -13.13 -10.58
N LYS A 658 -15.51 -12.31 -10.60
CA LYS A 658 -15.69 -10.89 -10.30
C LYS A 658 -16.65 -10.19 -11.27
N PRO A 659 -16.54 -10.36 -12.60
CA PRO A 659 -17.46 -9.61 -13.49
C PRO A 659 -18.93 -9.81 -13.14
N GLU A 660 -19.27 -10.91 -12.47
CA GLU A 660 -20.67 -11.16 -12.10
C GLU A 660 -21.22 -10.03 -11.24
N VAL A 661 -20.47 -9.60 -10.22
CA VAL A 661 -21.01 -8.55 -9.36
C VAL A 661 -21.17 -7.26 -10.17
N ILE A 662 -20.38 -7.10 -11.24
CA ILE A 662 -20.61 -5.98 -12.15
C ILE A 662 -21.98 -6.09 -12.79
N GLU A 663 -22.31 -7.28 -13.30
CA GLU A 663 -23.58 -7.48 -13.98
C GLU A 663 -24.76 -7.17 -13.05
N ASN A 664 -24.70 -7.68 -11.82
CA ASN A 664 -25.72 -7.34 -10.83
C ASN A 664 -25.82 -5.83 -10.68
N ILE A 665 -24.68 -5.14 -10.60
CA ILE A 665 -24.70 -3.68 -10.55
C ILE A 665 -25.43 -3.13 -11.77
N ILE A 666 -25.06 -3.62 -12.95
CA ILE A 666 -25.77 -3.19 -14.17
C ILE A 666 -27.23 -3.58 -14.08
N THR A 667 -27.53 -4.74 -13.49
CA THR A 667 -28.91 -5.17 -13.35
C THR A 667 -29.73 -4.17 -12.54
N LYS A 668 -29.09 -3.40 -11.67
CA LYS A 668 -29.79 -2.37 -10.93
C LYS A 668 -29.77 -1.02 -11.63
N MET A 669 -28.85 -0.81 -12.55
CA MET A 669 -28.76 0.46 -13.29
C MET A 669 -29.48 0.33 -14.63
N LYS A 670 -30.77 0.02 -14.57
CA LYS A 670 -31.60 -0.09 -15.76
C LYS A 670 -32.86 0.73 -15.59
N PRO A 671 -33.40 1.27 -16.69
CA PRO A 671 -32.91 1.22 -18.07
C PRO A 671 -31.72 2.15 -18.29
N ILE A 672 -30.89 1.89 -19.30
CA ILE A 672 -29.73 2.71 -19.59
C ILE A 672 -30.08 3.66 -20.72
N ASP A 673 -30.05 4.95 -20.43
CA ASP A 673 -30.27 5.98 -21.43
C ASP A 673 -28.93 6.62 -21.81
N GLU A 674 -28.99 7.67 -22.63
CA GLU A 674 -27.78 8.38 -23.04
C GLU A 674 -27.29 9.36 -21.96
N ASP A 675 -28.05 9.55 -20.90
CA ASP A 675 -27.70 10.48 -19.83
C ASP A 675 -27.49 9.75 -18.50
N THR A 676 -26.92 8.56 -18.57
CA THR A 676 -26.61 7.78 -17.37
C THR A 676 -25.11 7.86 -17.10
N HIS A 677 -24.76 8.28 -15.88
CA HIS A 677 -23.38 8.49 -15.49
C HIS A 677 -23.07 7.68 -14.23
N LEU A 678 -21.82 7.24 -14.13
CA LEU A 678 -21.34 6.47 -12.99
C LEU A 678 -20.13 7.18 -12.40
N ASP A 679 -20.23 7.54 -11.12
CA ASP A 679 -19.14 8.18 -10.39
C ASP A 679 -18.51 7.16 -9.46
N ILE A 680 -17.34 6.65 -9.85
CA ILE A 680 -16.63 5.63 -9.07
C ILE A 680 -15.56 6.33 -8.25
N HIS A 681 -15.68 6.22 -6.93
CA HIS A 681 -14.70 6.83 -6.03
C HIS A 681 -13.54 5.87 -5.84
N ILE A 682 -12.33 6.34 -6.14
CA ILE A 682 -11.13 5.51 -6.11
C ILE A 682 -10.14 6.11 -5.13
N ARG A 683 -9.74 5.31 -4.14
CA ARG A 683 -8.63 5.65 -3.24
C ARG A 683 -7.68 4.46 -3.25
N PRO A 684 -6.67 4.47 -4.12
CA PRO A 684 -5.79 3.30 -4.25
C PRO A 684 -5.03 3.04 -2.96
N PRO A 685 -5.17 1.82 -2.40
CA PRO A 685 -6.02 0.73 -2.83
C PRO A 685 -7.19 0.48 -1.88
N ASP A 686 -7.63 1.50 -1.14
CA ASP A 686 -8.66 1.31 -0.12
C ASP A 686 -10.06 1.32 -0.73
N CYS A 687 -10.46 2.46 -1.30
CA CYS A 687 -11.85 2.62 -1.73
C CYS A 687 -12.16 1.78 -2.96
N GLY A 688 -11.29 1.81 -3.96
CA GLY A 688 -11.56 1.12 -5.19
C GLY A 688 -10.76 -0.15 -5.41
N VAL A 689 -11.40 -1.30 -5.19
CA VAL A 689 -10.81 -2.58 -5.56
C VAL A 689 -11.76 -3.46 -6.35
N PHE A 690 -13.07 -3.19 -6.34
CA PHE A 690 -14.02 -3.94 -7.15
C PHE A 690 -14.11 -3.42 -8.58
N ILE A 691 -13.38 -2.37 -8.91
CA ILE A 691 -13.42 -1.73 -10.23
C ILE A 691 -12.06 -1.87 -10.88
N THR A 692 -12.04 -2.37 -12.11
CA THR A 692 -10.84 -2.59 -12.89
C THR A 692 -11.06 -2.03 -14.29
N PRO A 693 -9.99 -1.81 -15.06
CA PRO A 693 -10.18 -1.35 -16.45
C PRO A 693 -11.08 -2.25 -17.27
N GLU A 694 -10.99 -3.57 -17.08
CA GLU A 694 -11.96 -4.46 -17.72
C GLU A 694 -13.37 -4.18 -17.21
N ASP A 695 -13.49 -3.94 -15.90
CA ASP A 695 -14.80 -3.62 -15.33
C ASP A 695 -15.33 -2.30 -15.87
N ILE A 696 -14.45 -1.31 -16.01
CA ILE A 696 -14.86 -0.01 -16.58
C ILE A 696 -15.30 -0.19 -18.03
N LYS A 697 -14.56 -0.99 -18.79
CA LYS A 697 -14.94 -1.24 -20.18
C LYS A 697 -16.29 -1.95 -20.26
N LYS A 698 -16.54 -2.90 -19.35
CA LYS A 698 -17.84 -3.56 -19.31
C LYS A 698 -18.95 -2.57 -18.98
N PHE A 699 -18.67 -1.64 -18.06
CA PHE A 699 -19.65 -0.61 -17.74
C PHE A 699 -19.93 0.27 -18.96
N GLN A 700 -18.89 0.67 -19.69
CA GLN A 700 -19.07 1.55 -20.83
C GLN A 700 -19.71 0.83 -22.01
N GLU A 701 -19.47 -0.48 -22.14
CA GLU A 701 -20.07 -1.24 -23.23
C GLU A 701 -21.59 -1.28 -23.13
N ALA A 702 -22.15 -1.10 -21.93
CA ALA A 702 -23.59 -1.09 -21.73
C ALA A 702 -24.20 0.29 -21.90
N GLY A 703 -23.38 1.32 -22.11
CA GLY A 703 -23.87 2.67 -22.26
C GLY A 703 -23.75 3.55 -21.03
N ILE A 704 -22.75 3.34 -20.19
CA ILE A 704 -22.58 4.08 -18.95
C ILE A 704 -21.28 4.88 -19.04
N LYS A 705 -21.36 6.17 -18.73
CA LYS A 705 -20.18 7.03 -18.71
C LYS A 705 -19.55 6.97 -17.33
N VAL A 706 -18.33 6.45 -17.26
CA VAL A 706 -17.65 6.21 -15.99
C VAL A 706 -16.83 7.44 -15.64
N ASN A 707 -17.07 7.98 -14.44
CA ASN A 707 -16.34 9.13 -13.91
C ASN A 707 -15.56 8.65 -12.69
N ILE A 708 -14.26 8.44 -12.86
CA ILE A 708 -13.40 7.96 -11.80
C ILE A 708 -12.94 9.15 -10.95
N THR A 709 -13.22 9.09 -9.66
CA THR A 709 -12.83 10.14 -8.72
C THR A 709 -11.59 9.71 -7.96
N ILE A 710 -10.54 10.52 -8.01
CA ILE A 710 -9.27 10.22 -7.38
C ILE A 710 -9.26 10.87 -6.01
N HIS A 711 -9.39 10.06 -4.95
CA HIS A 711 -9.33 10.59 -3.61
C HIS A 711 -7.90 10.99 -3.24
N GLU A 712 -6.91 10.21 -3.67
CA GLU A 712 -5.52 10.53 -3.42
C GLU A 712 -4.66 10.01 -4.56
N TYR A 713 -3.84 10.89 -5.13
CA TYR A 713 -2.86 10.50 -6.15
C TYR A 713 -1.43 10.78 -5.70
N LYS A 714 -1.15 12.00 -5.25
CA LYS A 714 0.19 12.35 -4.81
C LYS A 714 0.55 11.70 -3.47
N GLN A 715 -0.46 11.20 -2.74
CA GLN A 715 -0.17 10.50 -1.49
C GLN A 715 0.65 9.24 -1.72
N ASN A 716 0.34 8.50 -2.77
CA ASN A 716 1.07 7.28 -3.12
C ASN A 716 2.27 7.58 -4.00
N TYR A 717 3.12 8.52 -3.56
CA TYR A 717 4.33 8.83 -4.31
C TYR A 717 5.47 7.87 -3.95
N THR A 718 5.48 7.37 -2.72
CA THR A 718 6.44 6.33 -2.35
C THR A 718 6.05 4.95 -2.89
N ARG A 719 4.77 4.77 -3.21
CA ARG A 719 4.26 3.53 -3.79
C ARG A 719 3.64 3.89 -5.14
N ARG A 720 4.47 3.90 -6.19
CA ARG A 720 4.02 4.35 -7.50
C ARG A 720 3.29 3.26 -8.28
N TYR A 721 3.26 2.02 -7.79
CA TYR A 721 2.44 1.00 -8.44
C TYR A 721 0.96 1.33 -8.31
N LEU A 722 0.56 1.87 -7.15
CA LEU A 722 -0.80 2.37 -7.00
C LEU A 722 -1.07 3.52 -7.98
N GLN A 723 -0.05 4.35 -8.23
CA GLN A 723 -0.19 5.39 -9.22
C GLN A 723 -0.42 4.81 -10.61
N GLN A 724 0.30 3.75 -10.96
CA GLN A 724 0.06 3.09 -12.25
C GLN A 724 -1.35 2.50 -12.32
N TYR A 725 -1.81 1.88 -11.23
CA TYR A 725 -3.14 1.29 -11.21
C TYR A 725 -4.22 2.35 -11.40
N THR A 726 -4.13 3.46 -10.66
CA THR A 726 -5.10 4.52 -10.83
C THR A 726 -4.95 5.22 -12.18
N HIS A 727 -3.75 5.21 -12.77
CA HIS A 727 -3.58 5.77 -14.10
C HIS A 727 -4.30 4.92 -15.15
N ASP A 728 -4.21 3.60 -15.04
CA ASP A 728 -5.01 2.73 -15.90
C ASP A 728 -6.50 2.97 -15.68
N LEU A 729 -6.89 3.19 -14.41
CA LEU A 729 -8.29 3.47 -14.12
C LEU A 729 -8.78 4.72 -14.83
N MET A 730 -7.99 5.80 -14.76
CA MET A 730 -8.39 7.02 -15.48
C MET A 730 -8.35 6.82 -16.98
N ARG A 731 -7.37 6.07 -17.49
CA ARG A 731 -7.25 5.88 -18.94
C ARG A 731 -8.48 5.14 -19.48
N GLN A 732 -8.95 4.12 -18.78
CA GLN A 732 -10.12 3.40 -19.23
C GLN A 732 -11.42 4.16 -18.95
N ALA A 733 -11.38 5.15 -18.07
CA ALA A 733 -12.59 5.87 -17.68
C ALA A 733 -12.97 6.92 -18.72
N ASN A 734 -14.27 7.26 -18.73
CA ASN A 734 -14.73 8.33 -19.61
C ASN A 734 -14.31 9.70 -19.09
N SER A 735 -14.37 9.90 -17.77
CA SER A 735 -14.00 11.16 -17.16
C SER A 735 -13.24 10.92 -15.87
N VAL A 736 -12.41 11.89 -15.49
CA VAL A 736 -11.61 11.83 -14.28
C VAL A 736 -11.89 13.07 -13.46
N GLN A 737 -11.93 12.90 -12.14
CA GLN A 737 -12.25 13.99 -11.22
C GLN A 737 -11.26 13.96 -10.06
N PHE A 738 -10.41 14.98 -9.98
CA PHE A 738 -9.45 15.12 -8.89
C PHE A 738 -9.97 16.09 -7.84
N PHE A 739 -9.41 15.96 -6.64
CA PHE A 739 -9.79 16.84 -5.53
C PHE A 739 -8.92 18.09 -5.45
N ASN A 740 -7.61 17.93 -5.61
CA ASN A 740 -6.67 19.04 -5.55
C ASN A 740 -6.11 19.32 -6.94
N ALA A 741 -5.30 20.37 -7.03
CA ALA A 741 -4.65 20.75 -8.27
C ALA A 741 -3.25 20.19 -8.41
N GLU A 742 -2.52 20.02 -7.31
CA GLU A 742 -1.16 19.50 -7.39
C GLU A 742 -1.16 18.04 -7.85
N ASP A 743 -2.01 17.21 -7.26
CA ASP A 743 -2.08 15.81 -7.67
C ASP A 743 -2.60 15.67 -9.09
N ARG A 744 -3.57 16.52 -9.47
CA ARG A 744 -4.06 16.50 -10.85
C ARG A 744 -2.96 16.87 -11.83
N GLU A 745 -2.17 17.90 -11.51
CA GLU A 745 -1.06 18.29 -12.38
C GLU A 745 -0.01 17.18 -12.47
N ASN A 746 0.29 16.54 -11.33
CA ASN A 746 1.24 15.44 -11.35
C ASN A 746 0.74 14.28 -12.21
N ALA A 747 -0.56 13.96 -12.10
CA ALA A 747 -1.13 12.90 -12.92
C ALA A 747 -1.10 13.26 -14.40
N ILE A 748 -1.38 14.53 -14.73
CA ILE A 748 -1.30 14.97 -16.12
C ILE A 748 0.12 14.83 -16.64
N ILE A 749 1.10 15.23 -15.83
CA ILE A 749 2.50 15.11 -16.21
C ILE A 749 2.86 13.64 -16.46
N ALA A 750 2.42 12.76 -15.57
CA ALA A 750 2.73 11.34 -15.72
C ALA A 750 2.06 10.77 -16.97
N ALA A 751 0.82 11.16 -17.24
CA ALA A 751 0.09 10.59 -18.37
C ALA A 751 0.63 11.10 -19.70
N THR A 752 1.01 12.38 -19.77
CA THR A 752 1.48 12.98 -21.01
C THR A 752 2.98 12.83 -21.22
N TYR A 753 3.69 12.14 -20.31
CA TYR A 753 5.12 11.96 -20.44
C TYR A 753 5.57 10.53 -20.17
N GLY A 754 4.64 9.59 -20.01
CA GLY A 754 4.97 8.18 -19.93
C GLY A 754 5.16 7.62 -18.53
N ASP A 755 6.07 8.20 -17.76
CA ASP A 755 6.44 7.65 -16.46
C ASP A 755 5.70 8.36 -15.34
N CYS A 756 5.30 7.60 -14.31
CA CYS A 756 4.66 8.19 -13.15
C CYS A 756 5.60 9.13 -12.41
N ASP A 757 6.87 8.73 -12.26
CA ASP A 757 7.86 9.57 -11.60
C ASP A 757 8.30 10.67 -12.58
N LYS A 758 8.12 11.92 -12.19
CA LYS A 758 8.50 13.03 -13.04
C LYS A 758 10.01 13.17 -13.18
N ARG A 759 10.79 12.52 -12.33
CA ARG A 759 12.24 12.60 -12.43
C ARG A 759 12.77 11.91 -13.67
N ASN A 760 12.13 10.83 -14.12
CA ASN A 760 12.57 10.07 -15.28
C ASN A 760 11.88 10.51 -16.56
N THR A 761 11.48 11.77 -16.66
CA THR A 761 10.78 12.27 -17.83
C THR A 761 11.57 13.43 -18.44
N THR A 762 11.10 13.90 -19.59
CA THR A 762 11.74 15.00 -20.31
C THR A 762 11.15 16.36 -19.99
N GLU A 763 10.21 16.43 -19.05
CA GLU A 763 9.62 17.71 -18.70
C GLU A 763 10.67 18.61 -18.03
N PRO A 764 10.71 19.90 -18.38
CA PRO A 764 11.71 20.79 -17.76
C PRO A 764 11.60 20.87 -16.25
N THR A 765 10.38 20.84 -15.70
CA THR A 765 10.21 20.88 -14.26
C THR A 765 10.45 19.53 -13.59
N GLY A 766 10.52 18.45 -14.36
CA GLY A 766 10.78 17.13 -13.82
C GLY A 766 12.23 16.72 -13.95
N VAL A 767 12.88 17.16 -15.04
CA VAL A 767 14.30 16.84 -15.23
C VAL A 767 15.15 17.59 -14.21
N ALA A 768 14.72 18.78 -13.79
CA ALA A 768 15.48 19.52 -12.79
C ALA A 768 15.31 18.90 -11.40
N LYS A 769 14.17 18.27 -11.14
CA LYS A 769 13.96 17.62 -9.86
C LYS A 769 14.93 16.46 -9.67
N LYS A 770 15.16 15.69 -10.73
CA LYS A 770 16.08 14.56 -10.63
C LYS A 770 17.51 15.01 -10.34
N ILE A 771 17.93 16.11 -10.96
CA ILE A 771 19.30 16.61 -10.76
C ILE A 771 19.50 17.06 -9.32
N ARG A 772 18.54 17.80 -8.77
CA ARG A 772 18.69 18.36 -7.44
C ARG A 772 18.50 17.33 -6.32
N GLU A 773 17.90 16.18 -6.63
CA GLU A 773 17.62 15.16 -5.62
C GLU A 773 18.53 13.96 -5.70
N VAL A 774 18.67 13.35 -6.88
CA VAL A 774 19.50 12.17 -7.06
C VAL A 774 20.52 12.32 -8.17
N GLY A 775 20.53 13.45 -8.87
CA GLY A 775 21.44 13.64 -9.98
C GLY A 775 20.88 13.08 -11.28
N GLU A 776 21.51 13.49 -12.38
CA GLU A 776 21.08 13.05 -13.70
C GLU A 776 21.64 11.69 -14.11
N ASP A 777 22.49 11.09 -13.28
CA ASP A 777 23.10 9.80 -13.56
C ASP A 777 22.67 8.75 -12.54
N PHE A 778 21.38 8.75 -12.18
CA PHE A 778 20.83 7.82 -11.22
C PHE A 778 19.84 6.91 -11.92
N ASP A 779 19.95 5.60 -11.68
CA ASP A 779 19.06 4.61 -12.30
C ASP A 779 17.84 4.43 -11.41
N LEU A 780 16.94 5.39 -11.48
CA LEU A 780 15.71 5.34 -10.69
C LEU A 780 14.76 4.28 -11.24
N ASP A 781 13.87 3.82 -10.37
CA ASP A 781 12.89 2.81 -10.76
C ASP A 781 11.91 3.41 -11.77
N LYS A 782 11.57 2.61 -12.78
CA LYS A 782 10.68 3.04 -13.85
C LYS A 782 9.26 2.51 -13.59
N TYR A 783 8.28 3.38 -13.81
CA TYR A 783 6.86 3.03 -13.68
C TYR A 783 6.14 3.47 -14.94
N PRO A 784 6.36 2.77 -16.06
CA PRO A 784 5.78 3.22 -17.34
C PRO A 784 4.28 3.02 -17.37
N VAL A 785 3.58 4.02 -17.90
CA VAL A 785 2.15 3.93 -18.19
C VAL A 785 1.92 4.40 -19.62
N GLN A 786 0.87 3.89 -20.25
CA GLN A 786 0.55 4.28 -21.60
C GLN A 786 0.06 5.72 -21.63
N LYS A 787 0.53 6.48 -22.61
CA LYS A 787 0.16 7.89 -22.72
C LYS A 787 -1.31 8.02 -23.12
N TYR A 788 -1.99 8.99 -22.53
CA TYR A 788 -3.38 9.27 -22.84
C TYR A 788 -3.69 10.71 -22.48
N ASP A 789 -4.77 11.22 -23.06
CA ASP A 789 -5.19 12.61 -22.85
C ASP A 789 -5.91 12.71 -21.51
N LEU A 790 -5.13 12.99 -20.46
CA LEU A 790 -5.70 13.14 -19.13
C LEU A 790 -6.18 14.56 -18.86
N LYS A 791 -5.59 15.57 -19.50
CA LYS A 791 -6.01 16.94 -19.29
C LYS A 791 -7.42 17.18 -19.80
N GLY A 792 -7.79 16.53 -20.91
CA GLY A 792 -9.10 16.70 -21.48
C GLY A 792 -10.22 16.00 -20.74
N LYS A 793 -9.90 15.15 -19.77
CA LYS A 793 -10.89 14.45 -18.98
C LYS A 793 -10.86 14.80 -17.50
N SER A 794 -9.74 15.32 -16.99
CA SER A 794 -9.61 15.61 -15.57
C SER A 794 -10.48 16.80 -15.17
N GLY A 795 -10.72 16.91 -13.87
CA GLY A 795 -11.52 17.97 -13.32
C GLY A 795 -11.14 18.25 -11.88
N LEU A 796 -11.89 19.15 -11.25
CA LEU A 796 -11.64 19.56 -9.88
C LEU A 796 -12.92 19.44 -9.06
N THR A 797 -12.79 18.96 -7.83
CA THR A 797 -13.92 18.84 -6.92
C THR A 797 -13.45 19.17 -5.51
N VAL A 798 -14.41 19.22 -4.58
CA VAL A 798 -14.12 19.53 -3.19
C VAL A 798 -14.86 18.55 -2.30
N ALA A 799 -14.37 18.42 -1.05
CA ALA A 799 -15.00 17.56 -0.05
C ALA A 799 -16.06 18.37 0.68
N SER A 800 -17.29 18.30 0.19
CA SER A 800 -18.39 19.06 0.76
C SER A 800 -18.83 18.48 2.10
N GLN A 801 -19.42 19.34 2.93
CA GLN A 801 -19.97 18.90 4.20
C GLN A 801 -21.03 19.91 4.64
N LYS A 802 -21.91 19.46 5.53
CA LYS A 802 -22.98 20.29 6.06
C LYS A 802 -22.73 20.53 7.54
N LEU A 803 -22.78 21.80 7.95
CA LEU A 803 -22.60 22.20 9.33
C LEU A 803 -23.91 22.71 9.90
N SER A 804 -24.18 22.38 11.17
CA SER A 804 -25.46 22.73 11.78
C SER A 804 -25.51 24.21 12.13
N THR A 805 -24.59 24.66 12.98
CA THR A 805 -24.58 26.04 13.45
C THR A 805 -23.84 26.92 12.46
N GLU A 806 -24.44 28.04 12.08
CA GLU A 806 -23.80 28.97 11.18
C GLU A 806 -22.59 29.61 11.87
N PRO A 807 -21.48 29.79 11.17
CA PRO A 807 -20.29 30.39 11.79
C PRO A 807 -20.58 31.80 12.29
N ASP A 808 -19.96 32.14 13.41
CA ASP A 808 -20.17 33.45 14.01
C ASP A 808 -19.52 34.54 13.16
N HIS A 809 -19.89 35.78 13.46
CA HIS A 809 -19.33 36.92 12.74
C HIS A 809 -17.83 37.00 13.00
N PRO A 810 -17.01 37.33 11.98
CA PRO A 810 -15.56 37.38 12.19
C PRO A 810 -15.13 38.37 13.27
N LEU A 811 -15.91 39.44 13.49
CA LEU A 811 -15.56 40.39 14.54
C LEU A 811 -15.60 39.75 15.92
N ASP A 812 -16.51 38.82 16.14
CA ASP A 812 -16.62 38.11 17.41
C ASP A 812 -15.57 37.00 17.56
N VAL A 813 -14.94 36.59 16.46
CA VAL A 813 -14.00 35.48 16.50
C VAL A 813 -12.60 35.99 16.86
N VAL A 814 -12.31 37.25 16.51
CA VAL A 814 -10.99 37.81 16.80
C VAL A 814 -10.79 37.91 18.31
N ALA A 815 -11.77 38.47 19.02
CA ALA A 815 -11.71 38.55 20.48
C ALA A 815 -12.52 37.41 21.09
N LYS A 816 -11.98 36.21 20.92
CA LYS A 816 -12.67 34.97 21.29
C LYS A 816 -11.73 34.05 22.05
N ALA A 817 -11.03 34.60 23.05
CA ALA A 817 -10.19 33.82 23.94
C ALA A 817 -9.12 33.06 23.16
N PRO A 818 -8.07 33.73 22.67
CA PRO A 818 -7.15 33.08 21.73
C PRO A 818 -6.36 31.93 22.35
N ASN A 819 -7.03 30.79 22.52
CA ASN A 819 -6.43 29.60 23.10
C ASN A 819 -6.26 28.53 22.03
N ILE A 820 -5.16 27.79 22.11
CA ILE A 820 -4.88 26.74 21.13
C ILE A 820 -5.77 25.55 21.40
N LEU A 821 -6.36 25.00 20.34
CA LEU A 821 -7.33 23.91 20.45
C LEU A 821 -6.97 22.81 19.45
N SER A 822 -7.38 21.59 19.77
CA SER A 822 -7.13 20.45 18.90
C SER A 822 -8.05 19.29 19.31
N PHE A 823 -8.80 18.75 18.34
CA PHE A 823 -9.62 17.58 18.54
C PHE A 823 -8.95 16.36 17.94
N GLY A 824 -9.67 15.24 17.90
CA GLY A 824 -9.20 14.04 17.25
C GLY A 824 -8.72 13.00 18.24
N THR A 825 -8.61 11.76 17.76
CA THR A 825 -8.08 10.68 18.57
C THR A 825 -6.60 10.92 18.84
N ILE A 826 -6.20 10.80 20.10
CA ILE A 826 -4.81 11.04 20.48
C ILE A 826 -3.96 9.86 20.05
N ARG A 827 -3.29 10.00 18.90
CA ARG A 827 -2.47 8.96 18.32
C ARG A 827 -1.11 9.54 17.95
N PRO A 828 -0.07 8.70 17.89
CA PRO A 828 1.26 9.21 17.51
C PRO A 828 1.31 9.64 16.05
N GLY A 829 1.47 10.93 15.83
CA GLY A 829 1.49 11.49 14.49
C GLY A 829 0.28 12.32 14.11
N LYS A 830 -0.62 12.60 15.06
CA LYS A 830 -1.81 13.40 14.79
C LYS A 830 -1.63 14.85 15.23
N GLY A 831 -0.42 15.27 15.59
CA GLY A 831 -0.18 16.63 16.01
C GLY A 831 -0.44 16.90 17.48
N PHE A 832 -0.79 15.89 18.27
CA PHE A 832 -1.03 16.10 19.69
C PHE A 832 0.26 16.31 20.46
N GLU A 833 1.34 15.63 20.07
CA GLU A 833 2.63 15.85 20.71
C GLU A 833 3.14 17.26 20.42
N GLU A 834 2.89 17.76 19.21
CA GLU A 834 3.31 19.11 18.87
C GLU A 834 2.54 20.16 19.67
N ALA A 835 1.25 19.90 19.94
CA ALA A 835 0.50 20.78 20.81
C ALA A 835 1.06 20.75 22.24
N LEU A 836 1.47 19.57 22.70
CA LEU A 836 2.10 19.45 24.01
C LEU A 836 3.39 20.27 24.07
N LYS A 837 4.21 20.18 23.02
CA LYS A 837 5.43 20.96 22.98
C LYS A 837 5.13 22.46 22.89
N LEU A 838 4.03 22.83 22.21
CA LEU A 838 3.61 24.22 22.18
C LEU A 838 3.28 24.72 23.58
N ALA A 839 2.52 23.93 24.34
CA ALA A 839 2.19 24.30 25.72
C ALA A 839 3.44 24.40 26.57
N GLN A 840 4.36 23.43 26.41
CA GLN A 840 5.61 23.48 27.17
C GLN A 840 6.40 24.74 26.85
N LEU A 841 6.57 25.06 25.57
CA LEU A 841 7.28 26.27 25.19
C LEU A 841 6.59 27.51 25.72
N ILE A 842 5.26 27.51 25.78
CA ILE A 842 4.53 28.60 26.41
C ILE A 842 4.92 28.72 27.88
N LYS A 843 5.09 27.57 28.55
CA LYS A 843 5.38 27.61 29.99
C LYS A 843 6.72 28.28 30.28
N ASP A 844 7.77 27.94 29.54
CA ASP A 844 9.09 28.50 29.82
C ASP A 844 9.14 30.00 29.57
N ASN A 845 8.52 30.47 28.48
CA ASN A 845 8.57 31.88 28.11
C ASN A 845 7.22 32.56 28.35
N SER A 846 6.56 32.20 29.44
CA SER A 846 5.29 32.83 29.79
C SER A 846 5.48 34.32 30.05
N LEU A 847 6.57 34.69 30.74
CA LEU A 847 6.86 36.10 30.97
C LEU A 847 7.14 36.82 29.65
N SER A 848 7.86 36.16 28.74
CA SER A 848 8.11 36.75 27.43
C SER A 848 6.82 36.93 26.65
N ILE A 849 5.92 35.94 26.71
CA ILE A 849 4.61 36.08 26.07
C ILE A 849 3.82 37.20 26.74
N HIS A 850 3.88 37.27 28.07
CA HIS A 850 3.19 38.32 28.80
C HIS A 850 3.91 39.66 28.58
N GLU A 851 3.25 40.74 28.99
CA GLU A 851 3.68 42.12 28.74
C GLU A 851 3.76 42.45 27.26
N LYS A 852 3.27 41.57 26.39
CA LYS A 852 3.21 41.82 24.96
C LYS A 852 1.81 41.68 24.40
N ILE A 853 1.01 40.77 24.95
CA ILE A 853 -0.40 40.59 24.58
C ILE A 853 -1.23 40.63 25.86
N LYS A 854 -2.55 40.74 25.67
CA LYS A 854 -3.44 40.89 26.82
C LYS A 854 -3.44 39.65 27.69
N ARG A 855 -3.57 38.47 27.09
CA ARG A 855 -3.65 37.22 27.84
C ARG A 855 -2.78 36.16 27.19
N VAL A 856 -2.14 35.36 28.03
CA VAL A 856 -1.27 34.28 27.54
C VAL A 856 -2.13 33.18 26.94
N PRO A 857 -1.82 32.69 25.74
CA PRO A 857 -2.63 31.61 25.15
C PRO A 857 -2.51 30.31 25.94
N ILE A 858 -3.57 29.51 25.85
CA ILE A 858 -3.65 28.23 26.55
C ILE A 858 -3.92 27.14 25.53
N VAL A 859 -3.13 26.08 25.58
CA VAL A 859 -3.29 24.94 24.67
C VAL A 859 -4.34 24.00 25.25
N LYS A 860 -5.45 23.85 24.54
CA LYS A 860 -6.54 22.98 24.96
C LYS A 860 -6.56 21.74 24.07
N LEU A 861 -6.42 20.58 24.68
CA LEU A 861 -6.42 19.29 23.98
C LEU A 861 -7.65 18.50 24.38
N ALA A 862 -8.26 17.82 23.40
CA ALA A 862 -9.43 17.01 23.65
C ALA A 862 -9.51 15.93 22.59
N GLY A 863 -10.21 14.85 22.92
CA GLY A 863 -10.39 13.78 21.97
C GLY A 863 -10.31 12.39 22.58
N ASP A 864 -10.26 11.38 21.73
CA ASP A 864 -10.23 9.99 22.20
C ASP A 864 -8.84 9.65 22.72
N PRO A 865 -8.71 9.20 23.97
CA PRO A 865 -7.41 8.72 24.46
C PRO A 865 -7.10 7.34 23.88
N GLN A 866 -6.09 7.27 23.02
CA GLN A 866 -5.74 6.02 22.37
C GLN A 866 -4.29 5.64 22.64
N ASP A 867 -3.41 6.63 22.72
CA ASP A 867 -2.00 6.40 22.98
C ASP A 867 -1.74 6.65 24.47
N LYS A 868 -1.40 5.57 25.19
CA LYS A 868 -1.09 5.67 26.61
C LYS A 868 0.10 6.58 26.87
N ALA A 869 1.18 6.46 26.10
CA ALA A 869 2.34 7.32 26.28
C ALA A 869 2.02 8.79 26.02
N LEU A 870 1.28 9.08 24.94
CA LEU A 870 0.92 10.46 24.64
C LEU A 870 0.04 11.04 25.74
N MET A 871 -0.94 10.27 26.20
CA MET A 871 -1.80 10.73 27.30
C MET A 871 -1.01 10.94 28.58
N LYS A 872 -0.04 10.07 28.86
CA LYS A 872 0.82 10.21 30.04
C LYS A 872 1.63 11.50 29.98
N GLN A 873 2.25 11.77 28.83
CA GLN A 873 3.02 12.99 28.68
C GLN A 873 2.12 14.21 28.76
N ILE A 874 0.89 14.10 28.27
CA ILE A 874 -0.06 15.20 28.39
C ILE A 874 -0.39 15.48 29.85
N VAL A 875 -0.65 14.43 30.63
CA VAL A 875 -1.10 14.63 32.01
C VAL A 875 0.03 14.93 32.99
N VAL A 876 1.27 14.57 32.66
CA VAL A 876 2.39 14.93 33.54
C VAL A 876 2.54 16.44 33.63
N GLU A 877 2.48 17.12 32.49
CA GLU A 877 2.62 18.57 32.47
C GLU A 877 1.44 19.23 33.17
N ARG A 878 0.25 18.65 33.04
CA ARG A 878 -0.98 19.25 33.54
C ARG A 878 -0.94 19.54 35.03
N PHE A 879 -0.56 18.56 35.83
CA PHE A 879 -0.54 18.70 37.29
C PHE A 879 0.71 18.03 37.88
N GLY A 880 1.85 18.24 37.25
CA GLY A 880 3.11 17.81 37.83
C GLY A 880 3.44 16.35 37.63
N LYS A 881 4.72 16.00 37.76
CA LYS A 881 5.14 14.62 37.62
C LYS A 881 4.75 13.79 38.84
N THR A 882 4.95 14.35 40.04
CA THR A 882 4.72 13.60 41.27
C THR A 882 3.26 13.22 41.41
N ALA A 883 2.35 14.16 41.12
CA ALA A 883 0.93 13.89 41.29
C ALA A 883 0.41 12.88 40.27
N VAL A 884 1.22 12.56 39.26
CA VAL A 884 0.85 11.54 38.28
C VAL A 884 1.20 10.18 38.87
N LYS A 885 2.07 10.17 39.87
CA LYS A 885 2.36 8.85 40.50
C LYS A 885 1.41 8.65 41.66
N THR A 886 1.29 9.65 42.50
CA THR A 886 0.36 9.57 43.65
C THR A 886 -1.06 9.39 43.13
N TYR A 887 -1.22 8.82 41.94
CA TYR A 887 -2.55 8.48 41.41
C TYR A 887 -2.30 7.25 40.56
N GLN A 888 -1.48 7.41 39.53
CA GLN A 888 -1.25 6.27 38.64
C GLN A 888 -1.15 5.06 39.55
N LYS A 889 -0.31 5.13 40.59
CA LYS A 889 -0.10 3.95 41.47
C LYS A 889 -1.45 3.54 42.08
N THR A 890 -1.85 4.14 43.21
CA THR A 890 -3.18 3.84 43.78
C THR A 890 -4.05 3.18 42.71
N HIS A 891 -4.54 3.96 41.75
CA HIS A 891 -5.37 3.43 40.63
C HIS A 891 -4.53 3.27 39.37
N PRO A 892 -3.80 2.15 39.15
CA PRO A 892 -2.94 2.04 38.00
C PRO A 892 -3.59 1.69 36.65
N TYR A 893 -2.78 1.61 35.60
CA TYR A 893 -3.30 1.41 34.24
C TYR A 893 -2.82 0.08 33.70
N ASP A 894 -3.74 -0.85 33.48
CA ASP A 894 -3.45 -2.16 32.92
C ASP A 894 -3.51 -2.06 31.41
N ASN A 895 -2.58 -2.74 30.73
CA ASN A 895 -2.54 -2.70 29.27
C ASN A 895 -3.55 -3.69 28.68
N ARG A 896 -4.78 -3.63 29.16
CA ARG A 896 -5.88 -4.46 28.66
C ARG A 896 -7.16 -3.66 28.42
N PHE A 897 -7.32 -2.50 29.06
CA PHE A 897 -8.55 -1.70 28.99
C PHE A 897 -8.99 -1.44 27.56
N ASN A 898 -10.17 -1.93 27.19
CA ASN A 898 -10.73 -1.67 25.87
C ASN A 898 -11.29 -0.26 25.83
N ASN A 899 -11.75 0.15 24.65
CA ASN A 899 -12.21 1.53 24.48
C ASN A 899 -13.62 1.72 25.03
N SER A 900 -13.84 1.28 26.26
CA SER A 900 -15.02 1.65 27.03
C SER A 900 -14.58 1.97 28.45
N GLN A 901 -13.36 1.55 28.79
CA GLN A 901 -12.72 1.90 30.05
C GLN A 901 -11.40 2.64 29.86
N ARG A 902 -10.75 2.50 28.70
CA ARG A 902 -9.65 3.39 28.36
C ARG A 902 -10.13 4.82 28.28
N ARG A 903 -11.30 5.03 27.66
CA ARG A 903 -11.92 6.35 27.67
C ARG A 903 -12.28 6.77 29.08
N ASP A 904 -12.87 5.87 29.85
CA ASP A 904 -13.26 6.14 31.23
C ASP A 904 -12.18 5.70 32.21
N TYR A 905 -10.92 6.09 31.94
CA TYR A 905 -9.88 6.08 32.94
C TYR A 905 -9.12 7.41 33.00
N TRP A 906 -8.82 8.01 31.85
CA TRP A 906 -8.25 9.34 31.79
C TRP A 906 -9.24 10.43 32.16
N LYS A 907 -10.52 10.21 31.87
CA LYS A 907 -11.56 11.11 32.38
C LYS A 907 -11.55 11.14 33.90
N ASN A 908 -11.52 9.97 34.54
CA ASN A 908 -11.47 9.91 36.00
C ASN A 908 -10.16 10.49 36.54
N LEU A 909 -9.07 10.28 35.81
CA LEU A 909 -7.78 10.85 36.22
C LEU A 909 -7.81 12.37 36.21
N VAL A 910 -8.25 12.96 35.10
CA VAL A 910 -8.30 14.41 34.94
C VAL A 910 -9.42 15.01 35.79
N ARG A 911 -10.37 14.19 36.27
CA ARG A 911 -11.38 14.66 37.20
C ARG A 911 -10.91 14.61 38.65
N GLU A 912 -10.18 13.56 39.05
CA GLU A 912 -9.62 13.50 40.40
C GLU A 912 -8.56 14.58 40.59
N LEU A 913 -7.60 14.68 39.67
CA LEU A 913 -6.73 15.85 39.67
C LEU A 913 -7.48 16.97 38.96
N ASN A 914 -6.95 18.20 39.01
CA ASN A 914 -7.66 19.40 38.62
C ASN A 914 -8.87 19.62 39.53
N ALA A 915 -9.03 18.74 40.51
CA ALA A 915 -9.94 18.89 41.64
C ALA A 915 -9.23 18.74 42.97
N LYS A 916 -8.23 17.85 43.05
CA LYS A 916 -7.26 17.91 44.14
C LYS A 916 -6.48 19.22 44.12
N VAL A 917 -6.41 19.90 42.99
CA VAL A 917 -5.72 21.18 42.91
C VAL A 917 -6.61 22.33 43.38
N LYS A 918 -7.92 22.26 43.12
CA LYS A 918 -8.86 23.27 43.61
C LYS A 918 -9.19 23.10 45.08
N GLU A 919 -8.93 21.88 45.57
CA GLU A 919 -9.03 21.68 47.02
C GLU A 919 -7.65 22.15 47.42
N GLU A 920 -7.13 23.11 46.66
CA GLU A 920 -5.76 23.65 46.88
C GLU A 920 -4.83 22.61 47.53
N VAL A 921 -5.08 21.32 47.36
CA VAL A 921 -4.15 20.29 47.88
C VAL A 921 -2.90 20.30 47.00
N ALA A 922 -3.07 20.55 45.70
CA ALA A 922 -1.91 20.50 44.78
C ALA A 922 -1.89 21.71 43.87
N VAL A 923 -0.81 21.88 43.10
CA VAL A 923 -0.70 23.00 42.12
C VAL A 923 -0.61 22.43 40.71
N LEU A 924 -1.28 23.06 39.74
CA LEU A 924 -1.20 22.63 38.32
C LEU A 924 0.16 23.09 37.80
N ASN A 925 1.10 22.18 37.59
CA ASN A 925 2.34 22.57 36.91
C ASN A 925 1.86 22.86 35.51
N ASN A 926 2.35 23.91 34.92
CA ASN A 926 1.97 24.27 33.55
C ASN A 926 0.51 24.66 33.47
N PRO A 927 0.13 25.83 34.01
CA PRO A 927 -1.30 26.23 33.96
C PRO A 927 -1.79 26.60 32.57
N TYR A 928 -0.92 26.60 31.56
CA TYR A 928 -1.28 27.02 30.22
C TYR A 928 -1.68 25.86 29.31
N ILE A 929 -1.97 24.69 29.88
CA ILE A 929 -2.47 23.55 29.13
C ILE A 929 -3.70 23.02 29.85
N GLU A 930 -4.72 22.65 29.07
CA GLU A 930 -5.94 22.04 29.61
C GLU A 930 -6.30 20.83 28.75
N ILE A 931 -6.47 19.68 29.39
CA ILE A 931 -6.75 18.43 28.70
C ILE A 931 -8.14 17.95 29.12
N TYR A 932 -8.97 17.61 28.13
CA TYR A 932 -10.33 17.12 28.35
C TYR A 932 -10.50 15.84 27.55
N PRO A 933 -10.04 14.71 28.07
CA PRO A 933 -10.16 13.45 27.32
C PRO A 933 -11.61 13.03 27.18
N TRP A 934 -11.99 12.63 25.97
CA TRP A 934 -13.36 12.19 25.66
C TRP A 934 -14.39 13.19 26.17
N CYS A 935 -14.23 14.45 25.77
CA CYS A 935 -15.11 15.50 26.21
C CYS A 935 -16.52 15.30 25.65
N GLU A 936 -17.51 15.77 26.39
CA GLU A 936 -18.89 15.69 25.97
C GLU A 936 -19.15 16.64 24.80
N PRO A 937 -20.18 16.36 23.99
CA PRO A 937 -20.46 17.25 22.85
C PRO A 937 -20.68 18.70 23.24
N HIS A 938 -21.33 18.95 24.38
CA HIS A 938 -21.49 20.32 24.84
C HIS A 938 -20.16 20.89 25.32
N GLU A 939 -19.32 20.05 25.93
CA GLU A 939 -17.99 20.49 26.33
C GLU A 939 -17.14 20.82 25.10
N LEU A 940 -17.28 20.03 24.03
CA LEU A 940 -16.57 20.33 22.79
C LEU A 940 -17.02 21.66 22.21
N LEU A 941 -18.33 21.94 22.24
CA LEU A 941 -18.82 23.22 21.74
C LEU A 941 -18.31 24.37 22.60
N ASP A 942 -18.26 24.18 23.92
CA ASP A 942 -17.71 25.21 24.80
C ASP A 942 -16.24 25.47 24.49
N LEU A 943 -15.47 24.40 24.26
CA LEU A 943 -14.07 24.56 23.91
C LEU A 943 -13.90 25.30 22.58
N LYS A 944 -14.74 24.95 21.60
CA LYS A 944 -14.67 25.63 20.30
C LYS A 944 -15.01 27.12 20.45
N GLN A 945 -16.01 27.44 21.27
CA GLN A 945 -16.42 28.83 21.45
C GLN A 945 -15.43 29.60 22.32
N ASN A 946 -14.58 28.91 23.08
CA ASN A 946 -13.61 29.55 23.96
C ASN A 946 -12.18 29.48 23.43
N CYS A 947 -12.01 29.16 22.15
CA CYS A 947 -10.69 29.05 21.55
C CYS A 947 -10.74 29.65 20.14
N LYS A 948 -9.72 30.45 19.81
CA LYS A 948 -9.61 31.03 18.48
C LYS A 948 -8.62 30.30 17.60
N TYR A 949 -7.55 29.74 18.17
CA TYR A 949 -6.51 29.06 17.41
C TYR A 949 -6.73 27.56 17.50
N VAL A 950 -6.70 26.89 16.34
CA VAL A 950 -6.78 25.43 16.27
C VAL A 950 -5.51 24.93 15.61
N CYS A 951 -5.10 23.72 16.00
CA CYS A 951 -3.89 23.09 15.46
C CYS A 951 -4.30 21.81 14.74
N ARG A 952 -4.74 21.96 13.49
CA ARG A 952 -5.20 20.83 12.69
C ARG A 952 -4.11 20.36 11.72
N MET A 953 -2.95 20.00 12.28
CA MET A 953 -1.83 19.54 11.45
C MET A 953 -1.79 18.01 11.52
N ASP A 954 -2.39 17.39 10.51
CA ASP A 954 -2.41 15.93 10.41
C ASP A 954 -1.21 15.46 9.60
N ASP A 955 -1.23 14.18 9.20
CA ASP A 955 -0.10 13.60 8.47
C ASP A 955 0.01 14.12 7.04
N MET A 956 -1.07 14.67 6.49
CA MET A 956 -1.06 15.14 5.11
C MET A 956 -1.17 16.66 4.98
N GLY A 957 -1.93 17.31 5.85
CA GLY A 957 -2.03 18.75 5.85
C GLY A 957 -3.27 19.26 5.14
N MET A 958 -3.22 20.56 4.81
CA MET A 958 -4.34 21.22 4.17
C MET A 958 -4.58 20.65 2.78
N ARG A 959 -5.84 20.37 2.46
CA ARG A 959 -6.20 19.81 1.17
C ARG A 959 -7.69 20.04 0.94
N ASN A 960 -8.11 19.87 -0.32
CA ASN A 960 -9.51 20.02 -0.67
C ASN A 960 -10.35 18.80 -0.35
N ASN A 961 -9.72 17.64 -0.06
CA ASN A 961 -10.44 16.43 0.27
C ASN A 961 -10.43 16.12 1.76
N GLY A 962 -9.57 16.76 2.53
CA GLY A 962 -9.52 16.51 3.97
C GLY A 962 -10.61 17.23 4.73
N SER A 963 -11.62 16.49 5.19
CA SER A 963 -12.74 17.08 5.90
C SER A 963 -12.41 17.44 7.33
N ALA A 964 -11.34 16.86 7.90
CA ALA A 964 -10.97 17.15 9.29
C ALA A 964 -10.56 18.61 9.48
N ILE A 965 -10.16 19.29 8.41
CA ILE A 965 -9.77 20.69 8.48
C ILE A 965 -10.94 21.56 8.04
N ILE A 966 -11.75 21.03 7.12
CA ILE A 966 -12.92 21.77 6.66
C ILE A 966 -13.92 21.93 7.78
N SER A 967 -14.07 20.92 8.64
CA SER A 967 -15.01 20.99 9.75
C SER A 967 -14.56 21.94 10.85
N VAL A 968 -13.32 22.45 10.79
CA VAL A 968 -12.79 23.31 11.83
C VAL A 968 -12.54 24.73 11.34
N LEU A 969 -12.82 25.02 10.06
CA LEU A 969 -12.56 26.36 9.52
C LEU A 969 -13.40 27.42 10.21
N ASP A 970 -14.57 27.06 10.72
CA ASP A 970 -15.46 28.02 11.35
C ASP A 970 -15.02 28.44 12.75
N VAL A 971 -14.11 27.69 13.38
CA VAL A 971 -13.66 28.04 14.72
C VAL A 971 -12.84 29.32 14.72
N GLY A 972 -11.92 29.45 13.77
CA GLY A 972 -11.09 30.63 13.69
C GLY A 972 -9.82 30.41 12.89
N VAL A 973 -8.68 30.82 13.44
CA VAL A 973 -7.40 30.65 12.78
C VAL A 973 -6.93 29.21 12.98
N VAL A 974 -6.67 28.51 11.87
CA VAL A 974 -6.30 27.10 11.89
C VAL A 974 -4.88 26.97 11.36
N TYR A 975 -4.01 26.35 12.15
CA TYR A 975 -2.64 26.05 11.75
C TYR A 975 -2.61 24.62 11.22
N THR A 976 -2.16 24.46 9.98
CA THR A 976 -2.15 23.17 9.30
C THR A 976 -0.74 22.84 8.82
N LYS A 977 -0.62 21.72 8.12
CA LYS A 977 0.64 21.27 7.57
C LYS A 977 0.69 21.58 6.07
N PHE A 978 1.82 22.13 5.64
CA PHE A 978 2.04 22.45 4.23
C PHE A 978 2.38 21.15 3.49
N GLY A 979 1.32 20.44 3.09
CA GLY A 979 1.48 19.17 2.40
C GLY A 979 1.63 19.33 0.90
N SER A 980 1.75 18.19 0.22
CA SER A 980 1.91 18.17 -1.22
C SER A 980 0.59 18.26 -1.98
N VAL A 981 -0.53 18.21 -1.28
CA VAL A 981 -1.84 18.27 -1.92
C VAL A 981 -2.48 19.66 -1.77
N THR A 982 -1.69 20.67 -1.42
CA THR A 982 -2.20 22.03 -1.32
C THR A 982 -2.65 22.51 -2.70
N ASP A 983 -3.83 23.11 -2.76
CA ASP A 983 -4.45 23.53 -4.03
C ASP A 983 -3.79 24.76 -4.64
N ASP A 984 -2.65 25.22 -4.12
CA ASP A 984 -1.91 26.38 -4.63
C ASP A 984 -2.73 27.66 -4.54
N ILE A 985 -3.81 27.67 -3.76
CA ILE A 985 -4.62 28.86 -3.55
C ILE A 985 -4.69 29.25 -2.08
N PHE A 986 -3.87 28.64 -1.23
CA PHE A 986 -3.84 28.95 0.18
C PHE A 986 -2.45 29.37 0.65
N ILE A 987 -1.54 29.71 -0.27
CA ILE A 987 -0.15 29.89 0.10
C ILE A 987 0.17 31.35 0.38
N LYS A 988 0.12 32.19 -0.65
CA LYS A 988 0.41 33.61 -0.47
C LYS A 988 -0.50 34.56 -1.22
N GLY A 989 -1.14 34.14 -2.32
CA GLY A 989 -1.91 35.05 -3.13
C GLY A 989 -3.16 34.44 -3.73
N GLY A 990 -3.50 33.25 -3.30
CA GLY A 990 -4.68 32.58 -3.81
C GLY A 990 -5.96 33.22 -3.31
N LYS A 991 -7.08 32.69 -3.80
CA LYS A 991 -8.38 33.20 -3.40
C LYS A 991 -8.62 33.02 -1.91
N TYR A 992 -7.94 32.07 -1.28
CA TYR A 992 -8.05 31.78 0.14
C TYR A 992 -6.67 31.62 0.75
N GLY A 993 -5.76 32.54 0.43
CA GLY A 993 -4.38 32.45 0.91
C GLY A 993 -4.24 32.57 2.42
N ASN A 994 -5.04 33.42 3.06
CA ASN A 994 -4.97 33.62 4.50
C ASN A 994 -5.97 32.76 5.26
N ALA A 995 -6.70 31.88 4.57
CA ALA A 995 -7.71 31.05 5.24
C ALA A 995 -7.07 30.13 6.28
N VAL A 996 -5.93 29.53 5.93
CA VAL A 996 -5.22 28.64 6.84
C VAL A 996 -3.75 29.04 6.88
N ASP A 997 -3.12 28.80 8.03
CA ASP A 997 -1.70 29.09 8.21
C ASP A 997 -0.92 27.79 7.99
N ILE A 998 -0.70 27.47 6.72
CA ILE A 998 0.00 26.23 6.38
C ILE A 998 1.46 26.31 6.78
N GLY A 999 2.08 27.47 6.60
CA GLY A 999 3.48 27.67 6.95
C GLY A 999 4.21 28.37 5.82
N GLU A 1000 5.53 28.32 5.89
CA GLU A 1000 6.38 28.97 4.88
C GLU A 1000 6.78 28.00 3.78
N TYR A 1001 7.42 26.90 4.14
CA TYR A 1001 7.89 25.91 3.18
C TYR A 1001 7.02 24.66 3.24
N ARG A 1002 6.91 23.98 2.10
CA ARG A 1002 6.15 22.75 2.03
C ARG A 1002 6.82 21.64 2.86
N TYR A 1003 6.00 20.74 3.38
CA TYR A 1003 6.45 19.62 4.20
C TYR A 1003 7.16 20.08 5.48
N GLY A 1004 6.91 21.32 5.90
CA GLY A 1004 7.50 21.82 7.13
C GLY A 1004 9.01 21.91 7.04
N LYS A 1005 9.67 21.48 8.12
CA LYS A 1005 11.12 21.56 8.20
C LYS A 1005 11.83 20.57 7.30
N TYR A 1006 11.10 19.60 6.73
CA TYR A 1006 11.70 18.58 5.87
C TYR A 1006 11.72 19.00 4.40
N SER A 1007 11.53 20.29 4.12
CA SER A 1007 11.56 20.77 2.75
C SER A 1007 12.97 20.69 2.17
N LEU A 1008 13.06 20.27 0.92
CA LEU A 1008 14.32 20.31 0.19
C LEU A 1008 14.71 21.71 -0.23
N LEU A 1009 13.73 22.58 -0.51
CA LEU A 1009 14.03 23.97 -0.80
C LEU A 1009 14.67 24.67 0.39
N LYS A 1010 14.13 24.45 1.58
CA LYS A 1010 14.73 25.02 2.78
C LYS A 1010 16.13 24.46 3.02
N LYS A 1011 16.28 23.14 2.85
CA LYS A 1011 17.60 22.54 3.03
C LYS A 1011 18.61 23.13 2.05
N GLU A 1012 18.16 23.43 0.82
CA GLU A 1012 19.02 24.13 -0.12
C GLU A 1012 19.34 25.53 0.37
N LYS A 1013 18.36 26.22 0.95
CA LYS A 1013 18.57 27.59 1.41
C LYS A 1013 19.58 27.66 2.53
N GLU A 1014 19.40 26.83 3.57
CA GLU A 1014 20.35 26.82 4.68
C GLU A 1014 21.73 26.31 4.26
N PHE A 1015 21.79 25.40 3.29
CA PHE A 1015 23.08 24.93 2.82
C PHE A 1015 23.87 26.05 2.14
N LYS A 1016 23.19 26.88 1.36
CA LYS A 1016 23.84 28.01 0.68
C LYS A 1016 23.83 29.26 1.55
N GLU A 1017 24.35 29.12 2.77
CA GLU A 1017 24.41 30.24 3.71
C GLU A 1017 25.68 30.16 4.55
N LEU A 1024 26.11 22.19 -3.78
CA LEU A 1024 24.81 21.62 -3.42
C LEU A 1024 24.83 20.09 -3.53
N PRO A 1025 24.49 19.42 -2.44
CA PRO A 1025 24.49 17.96 -2.43
C PRO A 1025 23.13 17.40 -2.88
N LYS A 1026 23.12 16.09 -3.11
CA LYS A 1026 21.91 15.40 -3.51
C LYS A 1026 21.11 15.06 -2.26
N TRP A 1027 19.95 15.69 -2.11
CA TRP A 1027 19.17 15.53 -0.88
C TRP A 1027 18.55 14.14 -0.80
N LEU A 1028 18.01 13.64 -1.91
CA LEU A 1028 17.35 12.34 -1.94
C LEU A 1028 18.30 11.22 -2.36
N ILE A 1029 19.61 11.42 -2.25
CA ILE A 1029 20.55 10.36 -2.59
C ILE A 1029 20.46 9.24 -1.56
N LYS A 1030 20.92 8.05 -1.97
CA LYS A 1030 21.01 6.83 -1.18
C LYS A 1030 19.69 6.50 -0.48
N ASN A 1031 18.59 7.11 -0.92
CA ASN A 1031 17.26 6.81 -0.41
C ASN A 1031 16.20 7.34 -1.38
N PRO A 1032 16.05 6.74 -2.55
CA PRO A 1032 15.03 7.22 -3.50
C PRO A 1032 13.63 7.00 -2.94
N ASP A 1033 12.73 7.90 -3.32
CA ASP A 1033 11.33 7.88 -2.86
C ASP A 1033 11.26 7.89 -1.33
N SER A 1034 11.90 8.89 -0.74
CA SER A 1034 11.91 9.04 0.71
C SER A 1034 10.53 9.41 1.22
N ALA A 1035 10.28 9.09 2.49
CA ALA A 1035 9.00 9.35 3.13
C ALA A 1035 8.97 10.69 3.85
N TYR A 1036 9.76 11.66 3.41
CA TYR A 1036 9.81 12.96 4.08
C TYR A 1036 8.52 13.76 3.86
N LYS A 1037 7.72 13.43 2.85
CA LYS A 1037 6.49 14.16 2.58
C LYS A 1037 5.36 13.78 3.53
N ARG A 1038 5.53 12.72 4.34
CA ARG A 1038 4.50 12.26 5.25
C ARG A 1038 5.00 12.23 6.70
N GLN A 1039 5.92 13.14 7.03
CA GLN A 1039 6.44 13.20 8.38
C GLN A 1039 5.39 13.76 9.35
N SER A 1040 5.56 13.43 10.63
CA SER A 1040 4.59 13.85 11.64
C SER A 1040 4.83 15.29 12.08
N GLU A 1041 6.00 15.58 12.63
CA GLU A 1041 6.32 16.91 13.15
C GLU A 1041 7.04 17.72 12.08
N SER A 1042 6.27 18.13 11.07
CA SER A 1042 6.85 18.90 9.97
C SER A 1042 7.16 20.34 10.40
N ARG A 1043 6.23 20.96 11.11
CA ARG A 1043 6.39 22.35 11.55
C ARG A 1043 6.96 22.39 12.96
N ASP A 1044 7.89 23.29 13.20
CA ASP A 1044 8.49 23.42 14.52
C ASP A 1044 7.54 24.13 15.48
N PRO A 1045 7.27 23.56 16.65
CA PRO A 1045 6.48 24.25 17.66
C PRO A 1045 6.90 25.70 17.93
N LYS A 1046 8.20 26.00 17.94
CA LYS A 1046 8.65 27.36 18.24
C LYS A 1046 8.16 28.34 17.18
N ASP A 1047 8.24 27.95 15.90
CA ASP A 1047 7.76 28.82 14.84
C ASP A 1047 6.25 29.02 14.93
N ILE A 1048 5.52 27.97 15.29
CA ILE A 1048 4.07 28.08 15.45
C ILE A 1048 3.74 29.05 16.58
N LEU A 1049 4.46 28.95 17.70
CA LEU A 1049 4.23 29.87 18.81
C LEU A 1049 4.56 31.31 18.42
N ASP A 1050 5.67 31.50 17.71
CA ASP A 1050 6.04 32.85 17.27
C ASP A 1050 5.00 33.44 16.34
N SER A 1051 4.47 32.63 15.42
CA SER A 1051 3.43 33.10 14.52
C SER A 1051 2.15 33.42 15.29
N ILE A 1052 1.79 32.58 16.26
CA ILE A 1052 0.58 32.80 17.04
C ILE A 1052 0.67 34.10 17.83
N VAL A 1053 1.82 34.33 18.47
CA VAL A 1053 2.01 35.58 19.21
C VAL A 1053 2.00 36.77 18.26
N ALA A 1054 2.60 36.62 17.08
CA ALA A 1054 2.66 37.72 16.12
C ALA A 1054 1.28 38.06 15.54
N ARG A 1055 0.31 37.16 15.64
CA ARG A 1055 -1.02 37.42 15.12
C ARG A 1055 -1.88 38.19 16.12
N GLU A 1056 -1.96 37.71 17.37
CA GLU A 1056 -2.78 38.38 18.37
C GLU A 1056 -2.22 39.73 18.79
N GLU A 1057 -0.93 39.97 18.59
CA GLU A 1057 -0.35 41.26 18.93
C GLU A 1057 -0.78 42.36 17.97
N ASN A 1058 -1.33 42.00 16.80
CA ASN A 1058 -1.91 42.97 15.88
C ASN A 1058 -3.38 43.22 16.15
N GLN A 1059 -3.96 42.58 17.16
CA GLN A 1059 -5.37 42.74 17.52
C GLN A 1059 -6.28 42.44 16.33
N SER A 1068 -0.72 37.03 10.72
CA SER A 1068 -1.07 38.40 11.07
C SER A 1068 -2.47 38.75 10.58
N ASP A 1069 -3.10 39.72 11.27
CA ASP A 1069 -4.44 40.21 10.91
C ASP A 1069 -5.45 39.05 10.93
N ASN A 1070 -5.69 38.54 12.14
CA ASN A 1070 -6.56 37.38 12.32
C ASN A 1070 -7.94 37.61 11.72
N TYR A 1071 -8.42 38.85 11.72
CA TYR A 1071 -9.74 39.12 11.14
C TYR A 1071 -9.78 38.74 9.67
N ARG A 1072 -8.72 39.07 8.92
CA ARG A 1072 -8.64 38.64 7.52
C ARG A 1072 -8.64 37.13 7.41
N THR A 1073 -7.91 36.45 8.31
CA THR A 1073 -7.87 35.00 8.28
C THR A 1073 -9.26 34.40 8.54
N VAL A 1074 -9.96 34.92 9.54
CA VAL A 1074 -11.28 34.39 9.86
C VAL A 1074 -12.27 34.66 8.73
N VAL A 1075 -12.25 35.86 8.15
CA VAL A 1075 -13.21 36.16 7.09
C VAL A 1075 -12.89 35.34 5.84
N GLU A 1076 -11.61 35.12 5.54
CA GLU A 1076 -11.26 34.30 4.39
C GLU A 1076 -11.64 32.84 4.61
N ALA A 1077 -11.43 32.33 5.83
CA ALA A 1077 -11.85 30.96 6.12
C ALA A 1077 -13.36 30.81 6.02
N GLN A 1078 -14.12 31.79 6.51
CA GLN A 1078 -15.56 31.74 6.40
C GLN A 1078 -16.02 31.80 4.94
N LYS A 1079 -15.38 32.66 4.14
CA LYS A 1079 -15.71 32.72 2.72
C LYS A 1079 -15.41 31.40 2.02
N LEU A 1080 -14.27 30.79 2.36
CA LEU A 1080 -13.91 29.50 1.78
C LEU A 1080 -14.92 28.42 2.18
N LEU A 1081 -15.37 28.44 3.44
CA LEU A 1081 -16.32 27.45 3.90
C LEU A 1081 -17.69 27.63 3.26
N LYS A 1082 -18.10 28.89 3.05
CA LYS A 1082 -19.44 29.17 2.55
C LYS A 1082 -19.55 29.13 1.03
N GLU A 1083 -18.46 29.37 0.31
CA GLU A 1083 -18.50 29.46 -1.15
C GLU A 1083 -17.90 28.25 -1.86
N ARG A 1084 -16.92 27.58 -1.27
CA ARG A 1084 -16.26 26.45 -1.90
C ARG A 1084 -16.62 25.11 -1.27
N PHE A 1085 -16.51 25.00 0.05
CA PHE A 1085 -16.78 23.74 0.74
C PHE A 1085 -18.26 23.65 1.10
N THR A 1086 -19.07 23.50 0.06
CA THR A 1086 -20.51 23.36 0.20
C THR A 1086 -21.00 22.23 -0.70
N LEU A 1087 -22.15 21.66 -0.34
CA LEU A 1087 -22.71 20.55 -1.11
C LEU A 1087 -23.02 20.98 -2.54
N LYS A 1088 -23.62 22.15 -2.71
CA LYS A 1088 -23.96 22.63 -4.05
C LYS A 1088 -22.72 22.82 -4.89
N ASN A 1089 -21.66 23.37 -4.30
CA ASN A 1089 -20.41 23.56 -5.05
C ASN A 1089 -19.82 22.23 -5.51
N ALA A 1090 -19.83 21.23 -4.64
CA ALA A 1090 -19.30 19.92 -5.02
C ALA A 1090 -20.14 19.27 -6.11
N VAL A 1091 -21.46 19.37 -6.00
CA VAL A 1091 -22.32 18.78 -7.02
C VAL A 1091 -22.13 19.51 -8.36
N ASP A 1092 -21.99 20.84 -8.32
CA ASP A 1092 -21.75 21.58 -9.56
C ASP A 1092 -20.41 21.21 -10.17
N HIS A 1093 -19.38 21.03 -9.34
CA HIS A 1093 -18.08 20.60 -9.85
C HIS A 1093 -18.19 19.22 -10.50
N LEU A 1094 -18.91 18.30 -9.87
CA LEU A 1094 -19.08 16.97 -10.45
C LEU A 1094 -19.82 17.04 -11.77
N LEU A 1095 -20.89 17.86 -11.84
CA LEU A 1095 -21.65 17.99 -13.08
C LEU A 1095 -20.79 18.58 -14.19
N GLU A 1096 -19.98 19.59 -13.86
CA GLU A 1096 -19.08 20.17 -14.86
C GLU A 1096 -18.04 19.16 -15.33
N ASN A 1097 -17.53 18.33 -14.40
CA ASN A 1097 -16.51 17.36 -14.78
C ASN A 1097 -17.09 16.23 -15.63
N ILE A 1098 -18.34 15.85 -15.40
CA ILE A 1098 -18.94 14.76 -16.16
C ILE A 1098 -19.63 15.31 -17.40
N GLY A 1099 -19.41 16.59 -17.70
CA GLY A 1099 -19.96 17.20 -18.88
C GLY A 1099 -21.42 17.62 -18.78
N LEU A 1100 -21.99 17.61 -17.58
CA LEU A 1100 -23.38 18.01 -17.37
C LEU A 1100 -23.49 19.43 -16.83
N GLY A 1101 -22.61 20.32 -17.29
CA GLY A 1101 -22.63 21.69 -16.82
C GLY A 1101 -23.87 22.48 -17.20
N HIS A 1102 -24.59 22.03 -18.23
CA HIS A 1102 -25.82 22.71 -18.64
C HIS A 1102 -26.94 22.52 -17.63
N LEU A 1103 -26.83 21.52 -16.75
CA LEU A 1103 -27.83 21.29 -15.71
C LEU A 1103 -27.54 22.05 -14.42
N ILE A 1104 -26.43 22.78 -14.36
CA ILE A 1104 -26.10 23.53 -13.14
C ILE A 1104 -27.01 24.73 -13.03
N ALA A 1105 -27.64 24.90 -11.87
CA ALA A 1105 -28.53 26.03 -11.63
C ALA A 1105 -27.74 27.30 -11.38
#